data_8JRK
#
_entry.id   8JRK
#
_cell.length_a   91.946
_cell.length_b   91.946
_cell.length_c   214.109
_cell.angle_alpha   90.00
_cell.angle_beta   90.00
_cell.angle_gamma   90.00
#
_symmetry.space_group_name_H-M   'P 43 21 2'
#
loop_
_entity.id
_entity.type
_entity.pdbx_description
1 polymer 'HLA class II histocompatibility antigen, DR alpha chain'
2 polymer 'MHC class II histocompatibility antigen, DR-1 beta chain'
3 polymer ASN-ASP-ILE-LEU-SER-ARG-LEU-ASP-PRO-PRO-GLU-ALA-SER
4 water water
#
loop_
_entity_poly.entity_id
_entity_poly.type
_entity_poly.pdbx_seq_one_letter_code
_entity_poly.pdbx_strand_id
1 'polypeptide(L)'
;IKEDHVIIQAEFFMEPDLTGEFMFDFDGDEIFHVDMQKKETVWRLEEFGKFASFEAQGALANIAVDKANLETMMKRSNYT
PNTNVPPEMTVFPNKAVELGEPNILICFIDKFSPPVLNVTWLQNGKPVTTGVSETVFLPREDHLFRKFYYLPFLPSNEDV
YDCKVEHWGLEEPLIKHWEFEA
;
A,C
2 'polypeptide(L)'
;RDTPAHFLYQVKFECQFSNGTERVRYLHRSIYNGQEDVRFDSDVGEFRALTELGRPRAEYWNSQKDYLEDERASVDTYCR
HNYGVLDGFLVHRQTAPTVTVFPAKTQRLQHHNLLVCSVNGFYPGPIEVRWLRDGREEQAGVVSTGLIRNGDWTFQMLVM
LETVPRSGEVYTCHVQHPSSSSPVTVEWRA
;
B,D
3 'polypeptide(L)' NDILSRLDPPEAS E,F
#
# COMPACT_ATOMS: atom_id res chain seq x y z
N GLU A 3 14.03 -1.38 -2.28
CA GLU A 3 12.61 -1.88 -2.40
C GLU A 3 11.83 -1.55 -1.11
N ASP A 4 10.51 -1.40 -1.25
CA ASP A 4 9.58 -0.98 -0.18
C ASP A 4 9.43 -2.12 0.83
N HIS A 5 9.25 -3.35 0.37
CA HIS A 5 9.01 -4.50 1.27
C HIS A 5 9.66 -5.77 0.71
N VAL A 6 9.94 -6.71 1.59
CA VAL A 6 10.62 -7.99 1.28
C VAL A 6 9.98 -9.09 2.11
N ILE A 7 9.51 -10.17 1.47
CA ILE A 7 9.09 -11.43 2.13
C ILE A 7 10.21 -12.45 1.89
N ILE A 8 10.71 -13.07 2.94
CA ILE A 8 11.73 -14.14 2.77
C ILE A 8 11.23 -15.38 3.49
N GLN A 9 11.16 -16.49 2.73
CA GLN A 9 11.04 -17.87 3.25
C GLN A 9 12.46 -18.41 3.35
N ALA A 10 12.94 -18.67 4.58
CA ALA A 10 14.31 -19.16 4.87
C ALA A 10 14.22 -20.51 5.60
N GLU A 11 14.95 -21.49 5.07
CA GLU A 11 15.10 -22.86 5.62
C GLU A 11 16.58 -23.15 5.82
N PHE A 12 16.92 -24.01 6.78
CA PHE A 12 18.25 -24.66 6.75
C PHE A 12 18.13 -26.09 7.30
N PHE A 13 19.02 -26.97 6.86
CA PHE A 13 19.36 -28.23 7.56
C PHE A 13 20.88 -28.25 7.75
N MET A 14 21.32 -28.82 8.86
CA MET A 14 22.73 -28.84 9.29
C MET A 14 23.15 -30.22 9.80
N GLU A 15 24.31 -30.70 9.37
CA GLU A 15 24.88 -31.98 9.83
C GLU A 15 26.25 -31.71 10.45
N PRO A 16 26.75 -32.47 11.45
CA PRO A 16 26.07 -33.65 11.99
C PRO A 16 25.01 -33.40 13.07
N ASP A 17 24.71 -32.14 13.35
CA ASP A 17 23.73 -31.71 14.38
C ASP A 17 22.31 -32.26 14.17
N LEU A 18 21.88 -32.45 12.92
CA LEU A 18 20.54 -32.91 12.47
C LEU A 18 19.51 -31.88 12.95
N THR A 19 19.77 -30.59 12.71
CA THR A 19 18.83 -29.50 13.09
C THR A 19 18.41 -28.79 11.80
N GLY A 20 17.15 -28.38 11.76
CA GLY A 20 16.54 -27.68 10.63
C GLY A 20 15.47 -26.74 11.12
N GLU A 21 15.35 -25.60 10.48
CA GLU A 21 14.30 -24.61 10.79
C GLU A 21 13.69 -24.15 9.47
N PHE A 22 12.51 -23.58 9.58
CA PHE A 22 11.67 -23.10 8.47
C PHE A 22 10.96 -21.86 9.01
N MET A 23 11.16 -20.71 8.38
CA MET A 23 10.53 -19.46 8.86
C MET A 23 10.20 -18.56 7.65
N PHE A 24 9.30 -17.62 7.87
CA PHE A 24 8.97 -16.50 6.96
C PHE A 24 9.33 -15.20 7.69
N ASP A 25 9.83 -14.26 6.91
CA ASP A 25 10.42 -12.98 7.39
C ASP A 25 9.76 -11.88 6.58
N PHE A 26 9.31 -10.82 7.24
CA PHE A 26 8.80 -9.57 6.61
C PHE A 26 9.63 -8.36 7.08
N ASP A 27 10.38 -7.72 6.17
CA ASP A 27 11.23 -6.53 6.47
C ASP A 27 12.07 -6.77 7.74
N GLY A 28 12.54 -8.01 7.97
CA GLY A 28 13.52 -8.37 9.01
C GLY A 28 12.89 -8.82 10.33
N ASP A 29 11.57 -9.01 10.39
CA ASP A 29 10.88 -9.59 11.57
C ASP A 29 10.23 -10.92 11.17
N GLU A 30 10.30 -11.89 12.09
CA GLU A 30 9.65 -13.21 11.92
C GLU A 30 8.13 -13.07 11.81
N ILE A 31 7.55 -13.57 10.73
CA ILE A 31 6.08 -13.82 10.64
C ILE A 31 5.77 -15.05 11.48
N PHE A 32 6.41 -16.17 11.17
CA PHE A 32 6.15 -17.46 11.85
C PHE A 32 7.30 -18.43 11.58
N HIS A 33 7.33 -19.50 12.33
CA HIS A 33 8.17 -20.68 12.02
C HIS A 33 7.32 -21.92 12.16
N VAL A 34 7.86 -23.04 11.72
CA VAL A 34 7.24 -24.34 12.03
C VAL A 34 8.13 -25.04 13.07
N ASP A 35 7.53 -25.34 14.21
CA ASP A 35 8.21 -26.10 15.29
C ASP A 35 8.30 -27.56 14.83
N MET A 36 9.51 -28.11 14.73
CA MET A 36 9.76 -29.45 14.12
C MET A 36 9.34 -30.57 15.10
N GLN A 37 9.54 -30.34 16.41
CA GLN A 37 9.12 -31.31 17.46
C GLN A 37 7.60 -31.39 17.47
N LYS A 38 6.92 -30.25 17.53
CA LYS A 38 5.45 -30.11 17.74
C LYS A 38 4.68 -30.22 16.42
N LYS A 39 5.36 -30.15 15.27
CA LYS A 39 4.76 -30.28 13.90
C LYS A 39 3.70 -29.19 13.70
N GLU A 40 3.99 -27.97 14.15
CA GLU A 40 2.98 -26.90 14.32
C GLU A 40 3.54 -25.56 13.83
N THR A 41 2.73 -24.84 13.07
CA THR A 41 2.92 -23.41 12.76
C THR A 41 2.86 -22.62 14.06
N VAL A 42 3.93 -21.90 14.38
CA VAL A 42 3.97 -21.02 15.58
C VAL A 42 4.08 -19.60 15.06
N TRP A 43 3.02 -18.79 15.19
CA TRP A 43 3.03 -17.35 14.80
C TRP A 43 3.88 -16.54 15.77
N ARG A 44 4.59 -15.51 15.31
CA ARG A 44 5.54 -14.74 16.16
C ARG A 44 4.73 -13.97 17.21
N LEU A 45 3.64 -13.35 16.78
CA LEU A 45 2.53 -12.85 17.65
C LEU A 45 1.28 -13.66 17.27
N GLU A 46 0.53 -14.11 18.29
CA GLU A 46 -0.65 -15.04 18.13
C GLU A 46 -1.70 -14.38 17.23
N GLU A 47 -1.90 -13.06 17.37
CA GLU A 47 -2.91 -12.29 16.60
C GLU A 47 -2.78 -12.55 15.08
N PHE A 48 -1.55 -12.69 14.54
CA PHE A 48 -1.31 -12.93 13.09
C PHE A 48 -2.10 -14.12 12.56
N GLY A 49 -2.27 -15.14 13.40
CA GLY A 49 -2.95 -16.39 13.02
C GLY A 49 -4.44 -16.19 12.84
N LYS A 50 -5.00 -15.04 13.24
CA LYS A 50 -6.40 -14.65 12.90
C LYS A 50 -6.49 -14.22 11.43
N PHE A 51 -5.42 -13.72 10.83
CA PHE A 51 -5.46 -13.05 9.50
C PHE A 51 -4.78 -13.90 8.41
N ALA A 52 -4.12 -15.01 8.81
CA ALA A 52 -3.38 -15.90 7.88
C ALA A 52 -3.34 -17.34 8.44
N SER A 53 -3.10 -18.29 7.55
CA SER A 53 -2.91 -19.73 7.84
C SER A 53 -1.67 -20.23 7.08
N PHE A 54 -1.04 -21.28 7.60
CA PHE A 54 0.10 -22.01 6.98
C PHE A 54 0.02 -23.49 7.36
N GLU A 55 0.09 -24.37 6.36
CA GLU A 55 0.05 -25.84 6.51
C GLU A 55 1.45 -26.31 6.94
N ALA A 56 1.62 -26.62 8.23
CA ALA A 56 2.88 -27.06 8.85
C ALA A 56 3.52 -28.21 8.06
N GLN A 57 2.72 -29.16 7.55
CA GLN A 57 3.24 -30.42 6.95
C GLN A 57 4.13 -30.11 5.73
N GLY A 58 3.78 -29.09 4.95
CA GLY A 58 4.62 -28.63 3.82
C GLY A 58 6.03 -28.31 4.27
N ALA A 59 6.18 -27.49 5.32
CA ALA A 59 7.46 -27.07 5.92
C ALA A 59 8.29 -28.33 6.21
N LEU A 60 7.73 -29.29 6.97
CA LEU A 60 8.43 -30.53 7.39
C LEU A 60 8.94 -31.26 6.15
N ALA A 61 8.12 -31.32 5.09
CA ALA A 61 8.50 -31.97 3.82
C ALA A 61 9.69 -31.21 3.24
N ASN A 62 9.68 -29.87 3.26
CA ASN A 62 10.79 -29.04 2.72
C ASN A 62 12.08 -29.39 3.47
N ILE A 63 12.00 -29.53 4.78
CA ILE A 63 13.17 -29.80 5.65
C ILE A 63 13.74 -31.20 5.36
N ALA A 64 12.89 -32.23 5.27
CA ALA A 64 13.31 -33.57 4.80
C ALA A 64 14.04 -33.41 3.45
N VAL A 65 13.49 -32.65 2.51
CA VAL A 65 14.18 -32.43 1.20
C VAL A 65 15.45 -31.61 1.41
N ASP A 66 15.47 -30.63 2.33
CA ASP A 66 16.72 -29.85 2.52
C ASP A 66 17.85 -30.77 3.01
N LYS A 67 17.56 -31.71 3.91
CA LYS A 67 18.54 -32.70 4.45
C LYS A 67 19.19 -33.44 3.29
N ALA A 68 18.35 -34.04 2.47
CA ALA A 68 18.74 -34.76 1.23
C ALA A 68 19.62 -33.86 0.35
N ASN A 69 19.18 -32.64 0.07
CA ASN A 69 19.97 -31.67 -0.72
C ASN A 69 21.29 -31.39 0.00
N LEU A 70 21.30 -31.21 1.33
CA LEU A 70 22.58 -31.03 2.09
C LEU A 70 23.54 -32.19 1.77
N GLU A 71 23.11 -33.41 1.99
CA GLU A 71 23.95 -34.63 1.84
C GLU A 71 24.54 -34.70 0.42
N THR A 72 23.75 -34.34 -0.61
CA THR A 72 24.24 -34.25 -2.02
C THR A 72 25.35 -33.20 -2.19
N MET A 73 25.26 -32.07 -1.46
CA MET A 73 26.22 -30.94 -1.61
C MET A 73 27.49 -31.24 -0.82
N MET A 74 27.36 -31.92 0.33
CA MET A 74 28.49 -32.42 1.14
C MET A 74 29.41 -33.27 0.25
N LYS A 75 28.82 -34.21 -0.49
CA LYS A 75 29.55 -35.18 -1.32
C LYS A 75 30.13 -34.47 -2.54
N ARG A 76 29.35 -33.56 -3.15
CA ARG A 76 29.74 -32.80 -4.36
C ARG A 76 30.86 -31.81 -4.02
N SER A 77 30.92 -31.30 -2.78
CA SER A 77 31.90 -30.27 -2.32
C SER A 77 33.22 -30.92 -1.88
N ASN A 78 33.29 -32.26 -1.97
CA ASN A 78 34.36 -33.11 -1.42
C ASN A 78 34.44 -32.88 0.09
N TYR A 79 33.26 -32.75 0.72
CA TYR A 79 33.12 -32.70 2.20
C TYR A 79 33.87 -31.48 2.74
N THR A 80 33.79 -30.34 2.05
CA THR A 80 34.27 -29.04 2.57
C THR A 80 33.34 -28.61 3.71
N PRO A 81 33.87 -28.36 4.93
CA PRO A 81 33.04 -27.94 6.04
C PRO A 81 32.71 -26.45 5.98
N ASN A 82 31.58 -26.09 6.57
CA ASN A 82 31.16 -24.72 6.92
C ASN A 82 32.24 -24.06 7.77
N THR A 83 32.52 -22.78 7.48
CA THR A 83 33.42 -21.94 8.31
C THR A 83 32.67 -21.42 9.53
N ASN A 84 33.23 -21.60 10.73
CA ASN A 84 32.68 -21.03 11.99
C ASN A 84 32.93 -19.51 11.98
N VAL A 85 31.86 -18.71 12.00
CA VAL A 85 31.93 -17.22 12.11
C VAL A 85 31.31 -16.85 13.46
N PRO A 86 32.09 -16.24 14.37
CA PRO A 86 31.65 -15.98 15.74
C PRO A 86 30.63 -14.85 15.86
N PRO A 87 29.75 -14.89 16.87
CA PRO A 87 28.73 -13.87 17.04
C PRO A 87 29.32 -12.56 17.56
N GLU A 88 28.55 -11.48 17.44
CA GLU A 88 28.61 -10.29 18.33
C GLU A 88 27.26 -10.21 19.04
N MET A 89 27.25 -9.58 20.22
CA MET A 89 26.16 -9.65 21.23
C MET A 89 25.93 -8.24 21.76
N THR A 90 24.67 -7.93 22.05
CA THR A 90 24.20 -6.70 22.74
C THR A 90 23.22 -7.13 23.84
N VAL A 91 23.28 -6.48 25.01
CA VAL A 91 22.34 -6.74 26.14
C VAL A 91 21.66 -5.41 26.48
N PHE A 92 20.33 -5.35 26.38
CA PHE A 92 19.56 -4.11 26.56
C PHE A 92 18.15 -4.45 27.04
N PRO A 93 17.53 -3.55 27.84
CA PRO A 93 16.14 -3.72 28.26
C PRO A 93 15.14 -3.43 27.13
N ASN A 94 14.05 -4.17 27.15
CA ASN A 94 12.94 -4.03 26.18
C ASN A 94 12.28 -2.64 26.30
N LYS A 95 12.04 -2.12 27.51
CA LYS A 95 11.40 -0.78 27.73
C LYS A 95 12.25 0.10 28.66
N ALA A 96 11.88 1.37 28.77
CA ALA A 96 12.42 2.30 29.80
C ALA A 96 12.31 1.58 31.16
N VAL A 97 13.36 1.61 31.97
CA VAL A 97 13.45 0.78 33.20
C VAL A 97 13.00 1.63 34.39
N GLU A 98 12.16 1.06 35.26
CA GLU A 98 11.70 1.73 36.51
C GLU A 98 11.74 0.66 37.61
N LEU A 99 12.38 0.98 38.74
CA LEU A 99 12.56 0.02 39.85
C LEU A 99 11.23 -0.68 40.11
N GLY A 100 11.23 -2.00 40.16
CA GLY A 100 10.11 -2.83 40.67
C GLY A 100 8.93 -2.94 39.72
N GLU A 101 9.05 -2.46 38.46
CA GLU A 101 8.04 -2.62 37.37
C GLU A 101 8.58 -3.63 36.36
N PRO A 102 7.96 -4.83 36.25
CA PRO A 102 8.50 -5.89 35.39
C PRO A 102 8.90 -5.40 33.99
N ASN A 103 9.93 -6.03 33.45
CA ASN A 103 10.59 -5.62 32.19
C ASN A 103 11.18 -6.89 31.58
N ILE A 104 11.85 -6.76 30.44
CA ILE A 104 12.44 -7.91 29.71
C ILE A 104 13.85 -7.50 29.29
N LEU A 105 14.86 -8.28 29.66
CA LEU A 105 16.26 -8.06 29.20
C LEU A 105 16.42 -8.80 27.87
N ILE A 106 16.95 -8.11 26.87
CA ILE A 106 17.14 -8.67 25.51
C ILE A 106 18.63 -8.92 25.35
N CYS A 107 19.00 -10.14 24.97
CA CYS A 107 20.35 -10.51 24.51
C CYS A 107 20.23 -10.79 23.01
N PHE A 108 20.75 -9.88 22.19
CA PHE A 108 20.72 -9.97 20.73
C PHE A 108 22.08 -10.48 20.24
N ILE A 109 22.09 -11.58 19.51
CA ILE A 109 23.33 -12.23 18.97
C ILE A 109 23.26 -12.24 17.45
N ASP A 110 24.30 -11.74 16.77
CA ASP A 110 24.26 -11.33 15.34
C ASP A 110 25.51 -11.83 14.61
N LYS A 111 25.39 -12.01 13.29
CA LYS A 111 26.51 -12.16 12.35
C LYS A 111 27.32 -13.41 12.65
N PHE A 112 26.64 -14.52 12.97
CA PHE A 112 27.29 -15.82 13.28
C PHE A 112 26.80 -16.92 12.31
N SER A 113 27.66 -17.91 12.09
CA SER A 113 27.40 -19.23 11.46
C SER A 113 28.30 -20.27 12.15
N PRO A 114 27.87 -21.55 12.33
CA PRO A 114 26.53 -22.04 11.96
C PRO A 114 25.47 -21.62 12.97
N PRO A 115 24.18 -21.92 12.75
CA PRO A 115 23.12 -21.56 13.69
C PRO A 115 22.96 -22.56 14.86
N VAL A 116 23.91 -22.51 15.78
CA VAL A 116 23.93 -23.26 17.06
C VAL A 116 24.56 -22.33 18.10
N LEU A 117 23.86 -22.07 19.21
CA LEU A 117 24.32 -21.22 20.32
C LEU A 117 24.01 -21.95 21.63
N ASN A 118 24.90 -21.79 22.61
CA ASN A 118 24.63 -22.10 24.03
C ASN A 118 24.66 -20.74 24.73
N VAL A 119 23.47 -20.26 25.10
CA VAL A 119 23.25 -18.91 25.68
C VAL A 119 22.74 -19.12 27.09
N THR A 120 23.43 -18.52 28.06
CA THR A 120 23.13 -18.62 29.51
C THR A 120 22.94 -17.20 30.06
N TRP A 121 21.82 -16.99 30.76
CA TRP A 121 21.53 -15.77 31.54
C TRP A 121 22.02 -15.97 32.98
N LEU A 122 22.83 -15.05 33.53
CA LEU A 122 23.26 -15.07 34.95
C LEU A 122 22.69 -13.86 35.70
N GLN A 123 22.22 -14.07 36.93
CA GLN A 123 21.83 -12.99 37.88
C GLN A 123 22.76 -13.09 39.10
N ASN A 124 23.61 -12.08 39.30
CA ASN A 124 24.58 -12.05 40.43
C ASN A 124 25.42 -13.35 40.37
N GLY A 125 25.85 -13.77 39.18
CA GLY A 125 26.86 -14.83 38.96
C GLY A 125 26.25 -16.22 38.86
N LYS A 126 24.94 -16.33 38.96
CA LYS A 126 24.23 -17.64 39.07
C LYS A 126 23.27 -17.80 37.89
N PRO A 127 23.19 -19.00 37.27
CA PRO A 127 22.34 -19.21 36.10
C PRO A 127 20.86 -19.06 36.45
N VAL A 128 20.12 -18.26 35.67
CA VAL A 128 18.64 -18.09 35.81
C VAL A 128 17.94 -18.47 34.49
N THR A 129 16.76 -19.10 34.60
CA THR A 129 15.99 -19.67 33.47
C THR A 129 14.52 -19.25 33.51
N THR A 130 14.01 -18.66 34.59
CA THR A 130 12.56 -18.49 34.80
C THR A 130 12.00 -17.60 33.68
N GLY A 131 11.10 -18.14 32.88
CA GLY A 131 10.36 -17.39 31.86
C GLY A 131 11.19 -17.03 30.64
N VAL A 132 12.39 -17.61 30.47
CA VAL A 132 13.27 -17.25 29.32
C VAL A 132 12.57 -17.70 28.04
N SER A 133 12.70 -16.92 26.98
CA SER A 133 12.18 -17.22 25.63
C SER A 133 13.23 -16.80 24.60
N GLU A 134 13.09 -17.33 23.40
CA GLU A 134 14.04 -17.01 22.30
C GLU A 134 13.28 -17.05 20.99
N THR A 135 13.81 -16.37 19.98
CA THR A 135 13.25 -16.44 18.62
C THR A 135 13.86 -17.66 17.93
N VAL A 136 13.51 -17.88 16.67
CA VAL A 136 14.26 -18.80 15.79
C VAL A 136 15.56 -18.11 15.30
N PHE A 137 16.37 -18.84 14.53
CA PHE A 137 17.56 -18.31 13.82
C PHE A 137 17.09 -17.45 12.64
N LEU A 138 17.20 -16.14 12.81
CA LEU A 138 16.70 -15.17 11.81
C LEU A 138 17.74 -15.06 10.70
N PRO A 139 17.32 -14.99 9.40
CA PRO A 139 18.24 -14.84 8.29
C PRO A 139 18.84 -13.44 8.15
N ARG A 140 19.98 -13.35 7.46
CA ARG A 140 20.64 -12.09 7.05
C ARG A 140 20.95 -12.19 5.55
N GLU A 141 21.06 -11.06 4.86
CA GLU A 141 21.42 -10.98 3.40
C GLU A 141 22.76 -11.68 3.15
N ASP A 142 23.68 -11.62 4.12
CA ASP A 142 25.06 -12.18 3.99
C ASP A 142 25.05 -13.68 4.34
N HIS A 143 23.90 -14.23 4.73
CA HIS A 143 23.60 -15.68 4.96
C HIS A 143 24.20 -16.15 6.27
N LEU A 144 24.62 -15.22 7.13
CA LEU A 144 24.84 -15.45 8.57
C LEU A 144 23.46 -15.34 9.26
N PHE A 145 23.41 -15.47 10.59
CA PHE A 145 22.16 -15.58 11.37
C PHE A 145 22.10 -14.53 12.48
N ARG A 146 20.88 -14.29 12.98
CA ARG A 146 20.57 -13.47 14.17
C ARG A 146 19.69 -14.29 15.12
N LYS A 147 19.69 -13.96 16.40
CA LYS A 147 18.82 -14.63 17.38
C LYS A 147 18.64 -13.70 18.57
N PHE A 148 17.41 -13.62 19.09
CA PHE A 148 17.05 -12.84 20.31
C PHE A 148 16.77 -13.81 21.45
N TYR A 149 17.29 -13.52 22.64
CA TYR A 149 16.95 -14.24 23.89
C TYR A 149 16.33 -13.22 24.85
N TYR A 150 15.26 -13.63 25.51
CA TYR A 150 14.49 -12.75 26.43
C TYR A 150 14.61 -13.31 27.85
N LEU A 151 14.79 -12.41 28.83
CA LEU A 151 14.83 -12.73 30.27
C LEU A 151 13.89 -11.78 31.00
N PRO A 152 12.72 -12.25 31.46
CA PRO A 152 11.87 -11.47 32.35
C PRO A 152 12.63 -11.15 33.65
N PHE A 153 12.57 -9.90 34.09
CA PHE A 153 13.18 -9.48 35.37
C PHE A 153 12.39 -8.32 35.95
N LEU A 154 12.51 -8.19 37.26
CA LEU A 154 12.03 -7.08 38.12
C LEU A 154 13.24 -6.20 38.44
N PRO A 155 13.38 -5.01 37.82
CA PRO A 155 14.55 -4.17 38.04
C PRO A 155 14.77 -3.80 39.53
N SER A 156 16.03 -3.89 39.98
CA SER A 156 16.51 -3.54 41.34
C SER A 156 17.74 -2.62 41.26
N ASN A 157 18.15 -2.07 42.39
CA ASN A 157 19.42 -1.30 42.52
C ASN A 157 20.61 -2.26 42.37
N GLU A 158 20.56 -3.43 43.03
CA GLU A 158 21.78 -4.22 43.34
C GLU A 158 21.96 -5.45 42.42
N ASP A 159 20.98 -5.81 41.59
CA ASP A 159 21.10 -6.97 40.67
C ASP A 159 21.99 -6.62 39.48
N VAL A 160 22.91 -7.52 39.14
CA VAL A 160 23.71 -7.47 37.87
C VAL A 160 23.39 -8.72 37.06
N TYR A 161 23.20 -8.53 35.75
CA TYR A 161 22.86 -9.61 34.79
C TYR A 161 24.04 -9.79 33.84
N ASP A 162 24.37 -11.03 33.51
CA ASP A 162 25.30 -11.39 32.42
C ASP A 162 24.58 -12.31 31.42
N CYS A 163 24.67 -11.98 30.15
CA CYS A 163 24.38 -12.89 29.02
C CYS A 163 25.71 -13.52 28.60
N LYS A 164 25.79 -14.83 28.69
CA LYS A 164 26.98 -15.63 28.30
C LYS A 164 26.64 -16.43 27.03
N VAL A 165 27.38 -16.25 25.95
CA VAL A 165 27.15 -17.05 24.71
C VAL A 165 28.40 -17.87 24.38
N GLU A 166 28.18 -19.16 24.13
CA GLU A 166 29.15 -20.13 23.55
C GLU A 166 28.79 -20.41 22.08
N HIS A 167 29.80 -20.40 21.22
CA HIS A 167 29.69 -20.70 19.76
C HIS A 167 31.06 -21.19 19.31
N TRP A 168 31.09 -22.12 18.36
CA TRP A 168 32.34 -22.77 17.89
C TRP A 168 33.30 -21.77 17.25
N GLY A 169 32.82 -20.60 16.81
CA GLY A 169 33.63 -19.51 16.26
C GLY A 169 34.42 -18.74 17.33
N LEU A 170 34.08 -18.90 18.62
CA LEU A 170 34.78 -18.24 19.77
C LEU A 170 35.76 -19.23 20.43
N GLU A 171 36.96 -18.76 20.82
CA GLU A 171 37.93 -19.53 21.65
C GLU A 171 37.44 -19.57 23.10
N GLU A 172 36.89 -18.46 23.61
CA GLU A 172 36.32 -18.37 24.98
C GLU A 172 34.95 -17.67 24.93
N PRO A 173 34.09 -17.94 25.94
CA PRO A 173 32.75 -17.34 25.97
C PRO A 173 32.76 -15.81 25.84
N LEU A 174 31.74 -15.29 25.16
CA LEU A 174 31.48 -13.85 24.99
C LEU A 174 30.39 -13.50 26.01
N ILE A 175 30.76 -12.69 27.00
CA ILE A 175 29.91 -12.32 28.16
C ILE A 175 29.78 -10.80 28.21
N LYS A 176 28.54 -10.30 28.18
CA LYS A 176 28.22 -8.88 28.44
C LYS A 176 27.22 -8.80 29.58
N HIS A 177 27.09 -7.62 30.18
CA HIS A 177 26.25 -7.40 31.38
C HIS A 177 25.41 -6.14 31.22
N TRP A 178 24.42 -6.03 32.08
CA TRP A 178 23.53 -4.86 32.27
C TRP A 178 23.14 -4.84 33.76
N GLU A 179 22.92 -3.65 34.34
CA GLU A 179 22.49 -3.47 35.76
C GLU A 179 21.62 -2.21 35.89
N PRO B 4 34.59 -31.09 15.69
CA PRO B 4 33.80 -31.80 14.65
C PRO B 4 33.26 -30.82 13.59
N ALA B 5 33.57 -31.07 12.32
CA ALA B 5 33.16 -30.28 11.13
C ALA B 5 31.63 -30.19 11.06
N HIS B 6 31.11 -29.07 10.55
CA HIS B 6 29.66 -28.88 10.29
C HIS B 6 29.38 -28.61 8.83
N PHE B 7 28.18 -28.95 8.41
CA PHE B 7 27.74 -28.86 7.01
C PHE B 7 26.35 -28.23 7.04
N LEU B 8 26.17 -27.14 6.28
CA LEU B 8 24.95 -26.31 6.34
C LEU B 8 24.46 -26.05 4.92
N TYR B 9 23.16 -26.19 4.72
CA TYR B 9 22.49 -25.90 3.44
C TYR B 9 21.38 -24.92 3.77
N GLN B 10 21.32 -23.80 3.07
CA GLN B 10 20.25 -22.77 3.24
C GLN B 10 19.46 -22.64 1.94
N VAL B 11 18.13 -22.53 2.07
CA VAL B 11 17.25 -22.18 0.94
C VAL B 11 16.59 -20.85 1.30
N LYS B 12 16.52 -19.94 0.33
CA LYS B 12 15.78 -18.68 0.53
C LYS B 12 14.93 -18.41 -0.70
N PHE B 13 13.65 -18.13 -0.49
CA PHE B 13 12.74 -17.59 -1.53
C PHE B 13 12.41 -16.15 -1.14
N GLU B 14 12.90 -15.19 -1.92
CA GLU B 14 12.67 -13.76 -1.62
C GLU B 14 11.67 -13.17 -2.61
N CYS B 15 10.83 -12.29 -2.09
CA CYS B 15 9.90 -11.44 -2.87
C CYS B 15 10.18 -10.00 -2.48
N GLN B 16 10.60 -9.21 -3.46
CA GLN B 16 10.88 -7.76 -3.33
C GLN B 16 9.74 -7.00 -3.99
N PHE B 17 9.19 -6.04 -3.26
CA PHE B 17 8.03 -5.23 -3.69
C PHE B 17 8.39 -3.75 -3.68
N SER B 18 8.05 -3.07 -4.77
CA SER B 18 7.98 -1.60 -4.81
C SER B 18 6.68 -1.12 -5.46
N ASN B 19 6.13 -0.03 -4.93
CA ASN B 19 4.94 0.68 -5.47
C ASN B 19 3.75 -0.28 -5.45
N GLY B 20 3.41 -0.75 -4.25
CA GLY B 20 2.48 -1.87 -4.08
C GLY B 20 3.06 -3.13 -4.69
N THR B 21 2.50 -3.59 -5.80
CA THR B 21 2.91 -4.80 -6.54
C THR B 21 3.13 -4.48 -8.00
N GLU B 22 3.48 -3.23 -8.35
CA GLU B 22 3.91 -2.88 -9.74
C GLU B 22 5.27 -3.52 -10.00
N ARG B 23 6.18 -3.39 -9.05
CA ARG B 23 7.56 -3.89 -9.18
C ARG B 23 7.68 -5.11 -8.24
N VAL B 24 7.70 -6.32 -8.80
CA VAL B 24 7.86 -7.58 -8.03
C VAL B 24 9.06 -8.37 -8.57
N ARG B 25 9.99 -8.73 -7.69
CA ARG B 25 11.22 -9.53 -7.98
C ARG B 25 11.22 -10.78 -7.10
N TYR B 26 11.17 -11.97 -7.71
CA TYR B 26 11.31 -13.28 -7.04
C TYR B 26 12.75 -13.77 -7.18
N LEU B 27 13.33 -14.20 -6.07
CA LEU B 27 14.68 -14.81 -5.99
C LEU B 27 14.56 -16.14 -5.27
N HIS B 28 15.20 -17.15 -5.85
CA HIS B 28 15.35 -18.54 -5.34
C HIS B 28 16.86 -18.75 -5.15
N ARG B 29 17.31 -18.83 -3.91
CA ARG B 29 18.75 -18.93 -3.52
C ARG B 29 19.06 -20.33 -2.96
N SER B 30 20.04 -21.02 -3.51
CA SER B 30 20.57 -22.29 -2.95
C SER B 30 21.98 -22.01 -2.45
N ILE B 31 22.21 -22.27 -1.16
CA ILE B 31 23.34 -21.69 -0.36
C ILE B 31 23.96 -22.84 0.42
N TYR B 32 25.15 -23.29 0.01
CA TYR B 32 25.86 -24.36 0.74
C TYR B 32 26.97 -23.72 1.58
N ASN B 33 27.02 -24.05 2.87
CA ASN B 33 28.05 -23.51 3.80
C ASN B 33 28.11 -21.97 3.69
N GLY B 34 26.96 -21.30 3.60
CA GLY B 34 26.85 -19.83 3.62
C GLY B 34 27.21 -19.17 2.29
N GLN B 35 27.44 -19.93 1.22
CA GLN B 35 27.77 -19.33 -0.09
C GLN B 35 26.68 -19.70 -1.09
N GLU B 36 26.17 -18.71 -1.84
CA GLU B 36 25.08 -18.91 -2.82
C GLU B 36 25.64 -19.56 -4.09
N ASP B 37 25.24 -20.80 -4.35
CA ASP B 37 25.76 -21.63 -5.47
C ASP B 37 24.96 -21.41 -6.75
N VAL B 38 23.65 -21.24 -6.65
CA VAL B 38 22.75 -21.07 -7.81
C VAL B 38 21.51 -20.26 -7.39
N ARG B 39 21.00 -19.51 -8.34
CA ARG B 39 19.99 -18.46 -8.14
C ARG B 39 19.02 -18.54 -9.29
N PHE B 40 17.72 -18.40 -9.02
CA PHE B 40 16.77 -17.86 -10.01
C PHE B 40 16.50 -16.41 -9.62
N ASP B 41 16.66 -15.50 -10.57
CA ASP B 41 16.33 -14.06 -10.42
C ASP B 41 15.34 -13.75 -11.55
N SER B 42 14.10 -13.43 -11.20
CA SER B 42 13.00 -13.18 -12.18
C SER B 42 13.31 -11.97 -13.07
N ASP B 43 14.19 -11.05 -12.66
CA ASP B 43 14.62 -9.96 -13.57
C ASP B 43 15.47 -10.55 -14.72
N VAL B 44 16.24 -11.60 -14.45
CA VAL B 44 17.06 -12.35 -15.45
C VAL B 44 16.13 -13.33 -16.18
N GLY B 45 15.30 -14.10 -15.45
CA GLY B 45 14.31 -15.03 -16.02
C GLY B 45 14.90 -16.37 -16.42
N GLU B 46 16.17 -16.60 -16.05
CA GLU B 46 16.91 -17.87 -16.21
C GLU B 46 17.69 -18.14 -14.92
N PHE B 47 17.98 -19.41 -14.63
CA PHE B 47 18.87 -19.81 -13.51
C PHE B 47 20.32 -19.49 -13.87
N ARG B 48 21.11 -19.19 -12.84
CA ARG B 48 22.54 -18.85 -12.99
C ARG B 48 23.31 -19.60 -11.91
N ALA B 49 24.32 -20.35 -12.35
CA ALA B 49 25.39 -20.93 -11.53
C ALA B 49 26.33 -19.82 -11.06
N LEU B 50 26.11 -19.29 -9.85
CA LEU B 50 27.02 -18.30 -9.23
C LEU B 50 28.39 -18.94 -8.95
N THR B 51 28.43 -20.20 -8.51
CA THR B 51 29.70 -20.96 -8.34
C THR B 51 29.67 -22.25 -9.17
N GLU B 52 30.84 -22.80 -9.45
CA GLU B 52 31.02 -24.09 -10.15
C GLU B 52 30.18 -25.18 -9.49
N LEU B 53 30.12 -25.17 -8.15
CA LEU B 53 29.38 -26.13 -7.30
C LEU B 53 27.88 -26.12 -7.64
N GLY B 54 27.37 -25.02 -8.17
CA GLY B 54 25.95 -24.85 -8.55
C GLY B 54 25.63 -25.32 -9.96
N ARG B 55 26.60 -25.60 -10.82
CA ARG B 55 26.34 -25.92 -12.27
C ARG B 55 25.45 -27.16 -12.35
N PRO B 56 25.82 -28.29 -11.69
CA PRO B 56 24.98 -29.50 -11.70
C PRO B 56 23.57 -29.20 -11.20
N ARG B 57 23.47 -28.42 -10.13
CA ARG B 57 22.17 -28.09 -9.49
C ARG B 57 21.40 -27.14 -10.42
N ALA B 58 22.09 -26.33 -11.23
CA ALA B 58 21.45 -25.45 -12.23
C ALA B 58 20.95 -26.28 -13.41
N GLU B 59 21.67 -27.34 -13.78
CA GLU B 59 21.32 -28.23 -14.94
C GLU B 59 20.01 -28.96 -14.65
N TYR B 60 19.86 -29.50 -13.45
CA TYR B 60 18.67 -30.20 -12.91
C TYR B 60 17.46 -29.24 -12.98
N TRP B 61 17.49 -28.15 -12.22
CA TRP B 61 16.51 -27.03 -12.27
C TRP B 61 16.10 -26.72 -13.72
N ASN B 62 17.06 -26.50 -14.61
CA ASN B 62 16.83 -26.03 -16.01
C ASN B 62 16.29 -27.19 -16.86
N SER B 63 16.57 -28.44 -16.47
CA SER B 63 16.14 -29.68 -17.19
C SER B 63 14.82 -30.23 -16.61
N GLN B 64 14.39 -29.74 -15.44
CA GLN B 64 13.18 -30.22 -14.75
C GLN B 64 11.97 -29.65 -15.52
N LYS B 65 10.93 -30.49 -15.67
CA LYS B 65 9.94 -30.51 -16.78
C LYS B 65 9.43 -29.10 -17.06
N ASP B 66 8.69 -28.53 -16.12
CA ASP B 66 7.96 -27.25 -16.32
C ASP B 66 8.52 -26.22 -15.34
N TYR B 67 9.73 -26.46 -14.86
CA TYR B 67 10.24 -25.78 -13.65
C TYR B 67 10.56 -24.32 -14.01
N LEU B 68 11.25 -24.09 -15.13
CA LEU B 68 11.58 -22.72 -15.62
C LEU B 68 10.30 -21.88 -15.63
N GLU B 69 9.20 -22.40 -16.17
CA GLU B 69 7.94 -21.62 -16.28
C GLU B 69 7.38 -21.37 -14.87
N ASP B 70 7.52 -22.36 -13.97
CA ASP B 70 7.00 -22.29 -12.59
C ASP B 70 7.79 -21.23 -11.80
N GLU B 71 9.11 -21.21 -11.95
CA GLU B 71 9.95 -20.14 -11.38
C GLU B 71 9.50 -18.79 -11.98
N ARG B 72 9.31 -18.72 -13.29
CA ARG B 72 8.97 -17.44 -13.98
C ARG B 72 7.59 -16.94 -13.51
N ALA B 73 6.68 -17.82 -13.13
CA ALA B 73 5.30 -17.46 -12.72
C ALA B 73 5.25 -17.16 -11.22
N SER B 74 6.35 -17.37 -10.48
CA SER B 74 6.32 -17.24 -9.00
C SER B 74 6.09 -15.78 -8.57
N VAL B 75 6.42 -14.79 -9.40
CA VAL B 75 6.13 -13.37 -9.07
C VAL B 75 4.60 -13.24 -8.85
N ASP B 76 3.78 -14.09 -9.50
CA ASP B 76 2.30 -14.06 -9.45
C ASP B 76 1.81 -15.09 -8.43
N THR B 77 2.18 -16.36 -8.60
CA THR B 77 1.62 -17.53 -7.87
C THR B 77 2.09 -17.54 -6.40
N TYR B 78 3.18 -16.85 -6.07
CA TYR B 78 3.82 -16.94 -4.73
C TYR B 78 3.92 -15.54 -4.15
N CYS B 79 4.74 -14.68 -4.77
CA CYS B 79 5.02 -13.29 -4.33
C CYS B 79 3.74 -12.46 -4.26
N ARG B 80 3.04 -12.26 -5.37
CA ARG B 80 1.82 -11.40 -5.41
C ARG B 80 0.75 -12.07 -4.52
N HIS B 81 0.62 -13.39 -4.55
CA HIS B 81 -0.29 -14.14 -3.64
C HIS B 81 0.03 -13.82 -2.19
N ASN B 82 1.27 -14.03 -1.76
CA ASN B 82 1.59 -13.91 -0.31
C ASN B 82 1.40 -12.44 0.10
N TYR B 83 1.61 -11.50 -0.82
CA TYR B 83 1.55 -10.06 -0.49
C TYR B 83 0.12 -9.70 -0.10
N GLY B 84 -0.85 -10.27 -0.82
CA GLY B 84 -2.29 -10.00 -0.64
C GLY B 84 -2.76 -10.46 0.72
N VAL B 85 -2.27 -11.61 1.17
CA VAL B 85 -2.49 -12.12 2.55
C VAL B 85 -1.90 -11.12 3.53
N LEU B 86 -0.64 -10.75 3.33
CA LEU B 86 0.09 -9.92 4.31
C LEU B 86 -0.45 -8.48 4.32
N ASP B 87 -0.97 -8.00 3.19
CA ASP B 87 -1.58 -6.63 3.12
C ASP B 87 -2.82 -6.59 4.04
N GLY B 88 -3.42 -7.72 4.35
CA GLY B 88 -4.62 -7.78 5.22
C GLY B 88 -4.31 -7.61 6.69
N PHE B 89 -3.07 -7.31 7.11
CA PHE B 89 -2.70 -7.10 8.53
C PHE B 89 -1.23 -6.71 8.75
N LEU B 90 -0.27 -7.21 7.98
CA LEU B 90 1.18 -7.08 8.30
C LEU B 90 1.77 -5.83 7.63
N VAL B 91 1.51 -5.65 6.34
CA VAL B 91 2.22 -4.65 5.49
C VAL B 91 2.07 -3.26 6.09
N HIS B 92 0.94 -2.96 6.75
CA HIS B 92 0.57 -1.61 7.23
C HIS B 92 0.43 -1.58 8.76
N ARG B 93 0.96 -2.58 9.46
CA ARG B 93 0.95 -2.58 10.95
C ARG B 93 1.64 -1.29 11.40
N GLN B 94 1.02 -0.59 12.34
CA GLN B 94 1.58 0.61 13.00
C GLN B 94 1.40 0.47 14.52
N THR B 95 2.47 0.65 15.27
CA THR B 95 2.46 0.80 16.75
C THR B 95 3.08 2.16 17.03
N ALA B 96 2.33 3.05 17.68
CA ALA B 96 2.78 4.38 18.13
C ALA B 96 3.96 4.19 19.08
N PRO B 97 4.93 5.12 19.07
CA PRO B 97 6.01 5.09 20.04
C PRO B 97 5.57 5.60 21.41
N THR B 98 6.27 5.12 22.43
CA THR B 98 6.16 5.50 23.86
C THR B 98 7.39 6.41 24.12
N VAL B 99 7.16 7.63 24.59
CA VAL B 99 8.23 8.66 24.71
C VAL B 99 8.33 9.12 26.16
N THR B 100 9.51 9.02 26.78
CA THR B 100 9.88 9.75 28.01
C THR B 100 11.23 10.45 27.90
N VAL B 101 11.48 11.33 28.86
CA VAL B 101 12.79 12.00 29.12
C VAL B 101 13.21 11.62 30.55
N PHE B 102 14.51 11.42 30.78
CA PHE B 102 15.08 11.14 32.13
C PHE B 102 16.58 11.41 32.12
N PRO B 103 17.17 11.92 33.23
CA PRO B 103 18.63 12.12 33.34
C PRO B 103 19.37 10.78 33.38
N ALA B 104 20.48 10.67 32.65
CA ALA B 104 21.28 9.42 32.49
C ALA B 104 22.00 9.09 33.80
N LEU B 114 23.78 15.11 31.04
CA LEU B 114 23.26 14.38 29.84
C LEU B 114 21.76 14.10 30.00
N LEU B 115 20.97 14.39 28.96
CA LEU B 115 19.50 14.24 28.93
C LEU B 115 19.15 13.15 27.90
N VAL B 116 18.20 12.26 28.23
CA VAL B 116 17.91 11.02 27.44
C VAL B 116 16.46 11.07 26.94
N CYS B 117 16.25 10.94 25.63
CA CYS B 117 14.90 10.70 25.05
C CYS B 117 14.77 9.21 24.70
N SER B 118 13.93 8.50 25.44
CA SER B 118 13.59 7.06 25.25
C SER B 118 12.33 6.98 24.38
N VAL B 119 12.47 6.40 23.20
CA VAL B 119 11.39 6.18 22.20
C VAL B 119 11.26 4.65 22.09
N ASN B 120 10.18 4.06 22.60
CA ASN B 120 10.03 2.59 22.72
C ASN B 120 8.74 2.13 22.05
N GLY B 121 8.74 0.90 21.56
CA GLY B 121 7.54 0.11 21.26
C GLY B 121 6.93 0.45 19.91
N PHE B 122 7.69 1.03 18.98
CA PHE B 122 7.14 1.60 17.73
C PHE B 122 7.54 0.72 16.52
N TYR B 123 6.62 0.71 15.54
CA TYR B 123 6.68 0.04 14.22
C TYR B 123 5.93 0.92 13.22
N PRO B 124 6.34 1.01 11.94
CA PRO B 124 7.65 0.55 11.46
C PRO B 124 8.82 1.45 11.91
N GLY B 125 10.02 1.13 11.43
CA GLY B 125 11.30 1.73 11.85
C GLY B 125 11.40 3.23 11.53
N PRO B 126 11.02 3.68 10.33
CA PRO B 126 11.24 5.07 9.94
C PRO B 126 10.64 5.99 11.02
N ILE B 127 11.46 6.90 11.56
CA ILE B 127 11.05 7.80 12.67
C ILE B 127 11.96 9.02 12.65
N GLU B 128 11.42 10.16 13.09
CA GLU B 128 12.09 11.48 13.17
C GLU B 128 12.03 11.89 14.64
N VAL B 129 13.17 11.92 15.33
CA VAL B 129 13.31 12.25 16.78
C VAL B 129 14.21 13.48 16.92
N ARG B 130 13.65 14.58 17.42
CA ARG B 130 14.35 15.90 17.49
C ARG B 130 14.44 16.37 18.94
N TRP B 131 15.57 16.97 19.31
CA TRP B 131 15.75 17.70 20.58
C TRP B 131 15.58 19.20 20.35
N LEU B 132 14.58 19.82 21.01
CA LEU B 132 14.35 21.29 21.01
C LEU B 132 14.88 21.87 22.33
N ARG B 133 14.96 23.19 22.44
CA ARG B 133 15.45 23.91 23.65
C ARG B 133 14.92 25.36 23.62
N ASP B 134 13.92 25.65 24.47
CA ASP B 134 13.20 26.95 24.54
C ASP B 134 12.50 27.23 23.20
N GLY B 135 12.14 26.19 22.45
CA GLY B 135 11.39 26.29 21.19
C GLY B 135 12.24 26.04 19.96
N ARG B 136 13.57 26.23 20.04
CA ARG B 136 14.51 26.09 18.88
C ARG B 136 15.16 24.70 18.93
N GLU B 137 15.23 24.01 17.77
CA GLU B 137 15.86 22.66 17.64
C GLU B 137 17.37 22.84 17.41
N GLU B 138 18.19 22.18 18.23
CA GLU B 138 19.68 22.19 18.07
C GLU B 138 20.09 20.88 17.40
N GLN B 139 21.22 20.90 16.69
CA GLN B 139 21.72 19.75 15.89
C GLN B 139 22.95 19.17 16.62
N ALA B 140 23.94 20.01 16.96
CA ALA B 140 25.15 19.61 17.72
C ALA B 140 24.78 19.21 19.15
N GLY B 141 25.45 18.20 19.71
CA GLY B 141 25.22 17.68 21.07
C GLY B 141 24.47 16.34 21.09
N VAL B 142 23.67 16.09 20.05
CA VAL B 142 22.69 14.96 20.02
C VAL B 142 23.43 13.68 19.63
N VAL B 143 23.30 12.63 20.44
CA VAL B 143 23.90 11.29 20.19
C VAL B 143 22.75 10.26 20.16
N SER B 144 22.72 9.42 19.10
CA SER B 144 21.69 8.38 18.87
C SER B 144 22.32 7.00 18.79
N THR B 145 21.67 6.01 19.43
CA THR B 145 21.90 4.55 19.29
C THR B 145 21.55 4.10 17.86
N GLY B 146 20.75 4.89 17.17
CA GLY B 146 20.06 4.46 15.95
C GLY B 146 18.92 3.51 16.29
N LEU B 147 18.34 2.94 15.24
CA LEU B 147 17.17 2.02 15.28
C LEU B 147 17.65 0.71 15.91
N ILE B 148 17.05 0.32 17.04
CA ILE B 148 17.34 -0.96 17.75
C ILE B 148 16.12 -1.84 17.60
N ARG B 149 16.27 -2.94 16.84
CA ARG B 149 15.24 -4.00 16.72
C ARG B 149 15.06 -4.71 18.07
N ASN B 150 13.82 -4.91 18.50
CA ASN B 150 13.49 -5.62 19.76
C ASN B 150 13.24 -7.11 19.45
N GLY B 151 12.98 -7.45 18.19
CA GLY B 151 12.72 -8.84 17.73
C GLY B 151 11.27 -9.29 17.92
N ASP B 152 10.43 -8.50 18.61
CA ASP B 152 8.98 -8.74 18.84
C ASP B 152 8.11 -7.80 17.97
N TRP B 153 8.59 -7.36 16.81
CA TRP B 153 7.89 -6.40 15.90
C TRP B 153 7.83 -4.99 16.50
N THR B 154 8.74 -4.64 17.40
CA THR B 154 8.92 -3.24 17.87
C THR B 154 10.40 -2.85 17.75
N PHE B 155 10.64 -1.55 17.69
CA PHE B 155 11.97 -0.91 17.76
C PHE B 155 11.98 -0.02 18.99
N GLN B 156 13.19 0.36 19.38
CA GLN B 156 13.44 1.45 20.33
C GLN B 156 14.58 2.25 19.74
N MET B 157 14.87 3.39 20.35
CA MET B 157 15.93 4.35 19.96
C MET B 157 16.10 5.27 21.18
N LEU B 158 17.32 5.39 21.70
CA LEU B 158 17.64 6.42 22.74
C LEU B 158 18.38 7.58 22.05
N VAL B 159 17.80 8.77 22.13
CA VAL B 159 18.41 10.02 21.57
C VAL B 159 18.79 10.91 22.75
N MET B 160 20.10 11.10 22.95
CA MET B 160 20.70 11.86 24.07
C MET B 160 21.17 13.23 23.60
N LEU B 161 21.19 14.19 24.52
CA LEU B 161 21.57 15.60 24.28
C LEU B 161 22.52 16.02 25.40
N GLU B 162 23.83 16.08 25.13
CA GLU B 162 24.85 16.54 26.11
C GLU B 162 24.49 17.99 26.42
N THR B 163 24.04 18.26 27.65
CA THR B 163 23.34 19.52 28.01
C THR B 163 23.88 20.07 29.34
N VAL B 164 24.14 21.38 29.32
CA VAL B 164 24.59 22.20 30.49
C VAL B 164 23.40 22.43 31.42
N PRO B 165 23.44 21.91 32.67
CA PRO B 165 22.31 22.02 33.59
C PRO B 165 22.13 23.45 34.12
N ARG B 166 21.42 24.29 33.34
CA ARG B 166 21.14 25.71 33.69
C ARG B 166 19.63 25.92 33.84
N SER B 167 19.20 26.31 35.04
CA SER B 167 17.79 26.55 35.46
C SER B 167 17.16 27.65 34.59
N GLY B 168 15.85 27.56 34.37
CA GLY B 168 15.05 28.51 33.57
C GLY B 168 14.49 27.89 32.31
N GLU B 169 15.23 27.01 31.63
CA GLU B 169 14.97 26.63 30.21
C GLU B 169 14.32 25.23 30.11
N VAL B 170 13.33 25.11 29.21
CA VAL B 170 12.55 23.87 28.91
C VAL B 170 13.13 23.20 27.65
N TYR B 171 13.58 21.94 27.80
CA TYR B 171 13.99 21.02 26.70
C TYR B 171 12.82 20.12 26.31
N THR B 172 12.44 20.10 25.02
CA THR B 172 11.32 19.28 24.46
C THR B 172 11.89 18.16 23.58
N CYS B 173 11.42 16.91 23.74
CA CYS B 173 11.73 15.79 22.82
C CYS B 173 10.56 15.63 21.84
N HIS B 174 10.83 15.89 20.57
CA HIS B 174 9.83 15.96 19.46
C HIS B 174 9.98 14.70 18.60
N VAL B 175 8.92 13.91 18.51
CA VAL B 175 8.93 12.58 17.86
C VAL B 175 7.83 12.53 16.80
N GLN B 176 8.22 12.50 15.53
CA GLN B 176 7.29 12.37 14.37
C GLN B 176 7.47 10.96 13.81
N HIS B 177 6.39 10.18 13.86
CA HIS B 177 6.32 8.77 13.42
C HIS B 177 5.02 8.56 12.64
N PRO B 178 5.05 7.81 11.51
CA PRO B 178 3.88 7.68 10.63
C PRO B 178 2.57 7.35 11.35
N SER B 179 2.65 6.55 12.43
CA SER B 179 1.53 6.07 13.28
C SER B 179 0.55 7.22 13.63
N SER B 180 1.04 8.47 13.72
CA SER B 180 0.25 9.71 13.92
C SER B 180 0.76 10.84 13.02
N SER B 181 -0.19 11.52 12.34
CA SER B 181 0.02 12.81 11.64
C SER B 181 0.61 13.83 12.63
N SER B 182 0.21 13.71 13.90
CA SER B 182 0.58 14.60 15.04
C SER B 182 1.75 14.01 15.82
N PRO B 183 2.72 14.86 16.25
CA PRO B 183 3.91 14.40 16.95
C PRO B 183 3.64 14.05 18.43
N VAL B 184 4.57 13.32 19.04
CA VAL B 184 4.51 12.97 20.48
C VAL B 184 5.67 13.73 21.13
N THR B 185 5.36 14.57 22.12
CA THR B 185 6.27 15.61 22.65
C THR B 185 6.34 15.47 24.18
N VAL B 186 7.54 15.60 24.74
CA VAL B 186 7.85 15.45 26.19
C VAL B 186 8.79 16.58 26.63
N GLU B 187 8.27 17.55 27.40
CA GLU B 187 9.02 18.71 27.94
C GLU B 187 9.82 18.28 29.18
N TRP B 188 10.77 19.11 29.62
CA TRP B 188 11.57 18.87 30.86
C TRP B 188 12.00 20.21 31.48
N ASN C 1 -7.16 -17.72 4.06
CA ASN C 1 -6.23 -17.06 3.09
C ASN C 1 -4.79 -17.44 3.48
N ASP C 2 -4.17 -18.22 2.61
CA ASP C 2 -3.05 -19.14 2.91
C ASP C 2 -1.75 -18.47 2.48
N ILE C 3 -0.78 -18.40 3.39
CA ILE C 3 0.63 -18.16 3.00
C ILE C 3 1.08 -19.44 2.27
N LEU C 4 1.56 -19.32 1.04
CA LEU C 4 2.12 -20.47 0.25
C LEU C 4 3.63 -20.50 0.42
N SER C 5 4.18 -21.71 0.46
CA SER C 5 5.63 -21.99 0.45
C SER C 5 6.00 -22.58 -0.90
N ARG C 6 7.25 -22.41 -1.28
CA ARG C 6 7.85 -23.13 -2.44
C ARG C 6 8.85 -24.15 -1.90
N LEU C 7 9.08 -25.17 -2.73
CA LEU C 7 9.95 -26.35 -2.48
C LEU C 7 11.23 -26.20 -3.30
N ASP C 8 12.38 -26.32 -2.63
CA ASP C 8 13.71 -26.48 -3.26
C ASP C 8 13.70 -27.81 -4.01
N PRO C 9 13.93 -27.83 -5.34
CA PRO C 9 13.97 -29.09 -6.09
C PRO C 9 14.78 -30.18 -5.37
N PRO C 10 14.13 -31.33 -5.08
CA PRO C 10 14.78 -32.44 -4.37
C PRO C 10 15.81 -33.18 -5.22
N GLU C 11 16.98 -33.53 -4.65
CA GLU C 11 18.06 -34.26 -5.37
C GLU C 11 17.94 -35.78 -5.13
N ALA C 12 16.97 -36.20 -4.32
CA ALA C 12 16.64 -37.62 -4.01
C ALA C 12 17.79 -38.33 -3.28
N GLU D 3 -11.49 6.53 4.28
CA GLU D 3 -10.97 5.31 3.59
C GLU D 3 -9.87 5.69 2.58
N ASP D 4 -8.83 4.86 2.47
CA ASP D 4 -7.63 5.15 1.65
C ASP D 4 -7.97 5.09 0.16
N HIS D 5 -8.83 4.16 -0.27
CA HIS D 5 -9.08 3.86 -1.71
C HIS D 5 -10.49 3.29 -1.91
N VAL D 6 -11.12 3.62 -3.05
CA VAL D 6 -12.47 3.11 -3.43
C VAL D 6 -12.38 2.55 -4.85
N ILE D 7 -12.87 1.34 -5.05
CA ILE D 7 -13.19 0.80 -6.39
C ILE D 7 -14.70 0.78 -6.48
N ILE D 8 -15.27 1.45 -7.48
CA ILE D 8 -16.74 1.49 -7.69
C ILE D 8 -17.05 0.90 -9.05
N GLN D 9 -17.85 -0.15 -9.08
CA GLN D 9 -18.50 -0.63 -10.32
C GLN D 9 -19.86 0.05 -10.43
N ALA D 10 -20.04 0.90 -11.42
CA ALA D 10 -21.24 1.74 -11.60
C ALA D 10 -21.88 1.37 -12.95
N GLU D 11 -23.15 1.01 -12.90
CA GLU D 11 -23.97 0.69 -14.09
C GLU D 11 -25.25 1.51 -14.01
N PHE D 12 -25.87 1.79 -15.13
CA PHE D 12 -27.26 2.30 -15.13
C PHE D 12 -27.96 1.93 -16.43
N PHE D 13 -29.29 1.91 -16.36
CA PHE D 13 -30.20 1.86 -17.52
C PHE D 13 -31.32 2.86 -17.29
N MET D 14 -31.77 3.42 -18.40
CA MET D 14 -32.73 4.54 -18.46
C MET D 14 -33.74 4.28 -19.57
N GLU D 15 -35.02 4.43 -19.25
CA GLU D 15 -36.16 4.43 -20.22
C GLU D 15 -36.79 5.82 -20.20
N PRO D 16 -37.47 6.25 -21.30
CA PRO D 16 -37.63 5.44 -22.51
C PRO D 16 -36.41 5.52 -23.45
N ASP D 17 -35.28 6.08 -22.99
CA ASP D 17 -34.06 6.30 -23.83
C ASP D 17 -33.47 4.96 -24.27
N LEU D 18 -33.55 3.92 -23.43
CA LEU D 18 -32.90 2.61 -23.71
C LEU D 18 -31.36 2.76 -23.77
N THR D 19 -30.78 3.69 -22.99
CA THR D 19 -29.31 3.85 -22.88
C THR D 19 -28.85 3.23 -21.55
N GLY D 20 -27.74 2.50 -21.58
CA GLY D 20 -27.07 1.95 -20.38
C GLY D 20 -25.57 2.19 -20.43
N GLU D 21 -24.93 2.37 -19.29
CA GLU D 21 -23.45 2.44 -19.25
C GLU D 21 -22.97 1.47 -18.18
N PHE D 22 -21.73 1.00 -18.31
CA PHE D 22 -21.03 0.15 -17.34
C PHE D 22 -19.59 0.62 -17.28
N MET D 23 -19.10 0.93 -16.08
CA MET D 23 -17.73 1.47 -15.90
C MET D 23 -17.20 1.08 -14.51
N PHE D 24 -15.88 1.11 -14.35
CA PHE D 24 -15.21 1.02 -13.04
C PHE D 24 -14.54 2.36 -12.75
N ASP D 25 -14.49 2.68 -11.47
CA ASP D 25 -13.95 3.95 -10.92
C ASP D 25 -12.95 3.56 -9.83
N PHE D 26 -11.80 4.25 -9.75
CA PHE D 26 -10.84 4.17 -8.64
C PHE D 26 -10.56 5.60 -8.13
N ASP D 27 -10.88 5.90 -6.87
CA ASP D 27 -10.64 7.24 -6.26
C ASP D 27 -11.15 8.33 -7.22
N GLY D 28 -12.32 8.14 -7.84
CA GLY D 28 -13.02 9.17 -8.63
C GLY D 28 -12.55 9.31 -10.08
N ASP D 29 -11.75 8.36 -10.60
CA ASP D 29 -11.35 8.35 -12.02
C ASP D 29 -11.83 7.05 -12.69
N GLU D 30 -12.13 7.12 -13.98
CA GLU D 30 -12.54 5.96 -14.79
C GLU D 30 -11.33 5.02 -15.01
N ILE D 31 -11.48 3.73 -14.68
CA ILE D 31 -10.53 2.69 -15.14
C ILE D 31 -10.89 2.36 -16.59
N PHE D 32 -12.15 1.96 -16.79
CA PHE D 32 -12.66 1.57 -18.12
C PHE D 32 -14.19 1.62 -18.13
N HIS D 33 -14.75 1.46 -19.32
CA HIS D 33 -16.19 1.28 -19.58
C HIS D 33 -16.35 0.37 -20.79
N VAL D 34 -17.52 -0.24 -20.92
CA VAL D 34 -17.84 -1.05 -22.11
C VAL D 34 -18.70 -0.19 -23.05
N ASP D 35 -18.22 -0.04 -24.28
CA ASP D 35 -18.98 0.55 -25.40
C ASP D 35 -20.08 -0.45 -25.74
N MET D 36 -21.33 -0.09 -25.44
CA MET D 36 -22.50 -0.98 -25.56
C MET D 36 -22.80 -1.27 -27.04
N GLN D 37 -22.45 -0.35 -27.95
CA GLN D 37 -22.72 -0.52 -29.40
C GLN D 37 -21.66 -1.45 -30.02
N LYS D 38 -20.39 -1.28 -29.67
CA LYS D 38 -19.29 -2.12 -30.23
C LYS D 38 -19.00 -3.34 -29.35
N LYS D 39 -19.53 -3.40 -28.13
CA LYS D 39 -19.25 -4.52 -27.18
C LYS D 39 -17.72 -4.68 -27.10
N GLU D 40 -17.05 -3.63 -26.63
CA GLU D 40 -15.56 -3.52 -26.51
C GLU D 40 -15.24 -2.96 -25.12
N THR D 41 -14.20 -3.47 -24.47
CA THR D 41 -13.59 -2.86 -23.26
C THR D 41 -12.73 -1.68 -23.72
N VAL D 42 -12.99 -0.50 -23.16
CA VAL D 42 -12.30 0.78 -23.52
C VAL D 42 -11.67 1.29 -22.22
N TRP D 43 -10.36 1.05 -22.06
CA TRP D 43 -9.53 1.56 -20.95
C TRP D 43 -9.43 3.08 -21.06
N ARG D 44 -9.39 3.79 -19.92
CA ARG D 44 -9.40 5.26 -19.90
C ARG D 44 -8.07 5.73 -20.48
N LEU D 45 -6.99 5.05 -20.10
CA LEU D 45 -5.66 5.16 -20.75
C LEU D 45 -5.30 3.81 -21.36
N GLU D 46 -4.83 3.82 -22.59
CA GLU D 46 -4.55 2.60 -23.40
C GLU D 46 -3.69 1.61 -22.60
N GLU D 47 -2.70 2.12 -21.85
CA GLU D 47 -1.69 1.30 -21.10
C GLU D 47 -2.31 0.42 -20.00
N PHE D 48 -3.49 0.77 -19.46
CA PHE D 48 -4.22 -0.06 -18.45
C PHE D 48 -4.52 -1.45 -19.04
N GLY D 49 -4.68 -1.52 -20.36
CA GLY D 49 -5.04 -2.75 -21.10
C GLY D 49 -3.97 -3.81 -21.00
N LYS D 50 -2.72 -3.45 -20.72
CA LYS D 50 -1.59 -4.39 -20.50
C LYS D 50 -1.64 -5.05 -19.10
N PHE D 51 -2.31 -4.44 -18.13
CA PHE D 51 -2.19 -4.81 -16.69
C PHE D 51 -3.49 -5.43 -16.15
N ALA D 52 -4.55 -5.40 -16.95
CA ALA D 52 -5.89 -5.87 -16.57
C ALA D 52 -6.71 -6.22 -17.83
N SER D 53 -7.71 -7.06 -17.65
CA SER D 53 -8.60 -7.53 -18.72
C SER D 53 -10.05 -7.51 -18.22
N PHE D 54 -10.97 -7.29 -19.16
CA PHE D 54 -12.42 -7.47 -18.93
C PHE D 54 -13.10 -7.91 -20.23
N GLU D 55 -13.77 -9.05 -20.18
CA GLU D 55 -14.68 -9.52 -21.26
C GLU D 55 -15.92 -8.60 -21.31
N ALA D 56 -15.91 -7.73 -22.32
CA ALA D 56 -16.88 -6.66 -22.61
C ALA D 56 -18.30 -7.22 -22.56
N GLN D 57 -18.56 -8.34 -23.25
CA GLN D 57 -19.89 -8.98 -23.32
C GLN D 57 -20.56 -9.01 -21.95
N GLY D 58 -19.79 -9.38 -20.92
CA GLY D 58 -20.29 -9.52 -19.53
C GLY D 58 -21.14 -8.33 -19.11
N ALA D 59 -20.72 -7.11 -19.46
CA ALA D 59 -21.42 -5.87 -19.07
C ALA D 59 -22.78 -5.82 -19.75
N LEU D 60 -22.93 -6.37 -20.95
CA LEU D 60 -24.22 -6.30 -21.66
C LEU D 60 -25.23 -7.22 -20.97
N ALA D 61 -24.78 -8.29 -20.33
CA ALA D 61 -25.65 -9.19 -19.53
C ALA D 61 -26.12 -8.46 -18.27
N ASN D 62 -25.28 -7.62 -17.68
CA ASN D 62 -25.62 -6.84 -16.44
C ASN D 62 -26.70 -5.83 -16.83
N ILE D 63 -26.57 -5.22 -18.02
CA ILE D 63 -27.49 -4.16 -18.51
C ILE D 63 -28.87 -4.79 -18.80
N ALA D 64 -28.94 -5.96 -19.45
CA ALA D 64 -30.22 -6.64 -19.72
C ALA D 64 -30.95 -6.88 -18.39
N VAL D 65 -30.25 -7.22 -17.31
CA VAL D 65 -30.89 -7.50 -15.99
C VAL D 65 -31.30 -6.18 -15.31
N ASP D 66 -30.50 -5.13 -15.48
CA ASP D 66 -30.79 -3.77 -14.97
C ASP D 66 -32.07 -3.24 -15.64
N LYS D 67 -32.25 -3.55 -16.92
CA LYS D 67 -33.47 -3.21 -17.70
C LYS D 67 -34.70 -3.90 -17.07
N ALA D 68 -34.65 -5.22 -16.79
CA ALA D 68 -35.77 -5.93 -16.11
C ALA D 68 -36.04 -5.29 -14.75
N ASN D 69 -34.99 -5.03 -13.97
CA ASN D 69 -35.11 -4.36 -12.65
C ASN D 69 -35.72 -2.96 -12.81
N LEU D 70 -35.26 -2.15 -13.76
CA LEU D 70 -35.88 -0.83 -14.03
C LEU D 70 -37.39 -1.03 -14.18
N GLU D 71 -37.81 -1.96 -15.03
CA GLU D 71 -39.24 -2.10 -15.40
C GLU D 71 -40.05 -2.55 -14.19
N THR D 72 -39.48 -3.45 -13.39
CA THR D 72 -40.08 -3.86 -12.10
C THR D 72 -40.30 -2.64 -11.20
N MET D 73 -39.26 -1.82 -11.00
CA MET D 73 -39.36 -0.63 -10.13
C MET D 73 -40.36 0.39 -10.72
N MET D 74 -40.36 0.58 -12.04
CA MET D 74 -41.33 1.49 -12.72
C MET D 74 -42.77 1.15 -12.26
N LYS D 75 -43.16 -0.12 -12.38
CA LYS D 75 -44.52 -0.67 -12.03
C LYS D 75 -44.85 -0.44 -10.55
N ARG D 76 -43.96 -0.83 -9.64
CA ARG D 76 -44.17 -0.77 -8.16
C ARG D 76 -44.16 0.69 -7.71
N SER D 77 -43.44 1.58 -8.42
CA SER D 77 -43.38 3.03 -8.09
C SER D 77 -44.60 3.76 -8.68
N ASN D 78 -45.45 3.07 -9.44
CA ASN D 78 -46.65 3.64 -10.13
C ASN D 78 -46.19 4.72 -11.13
N TYR D 79 -45.15 4.38 -11.90
CA TYR D 79 -44.61 5.17 -13.04
C TYR D 79 -44.27 6.59 -12.59
N THR D 80 -43.85 6.74 -11.33
CA THR D 80 -43.21 7.95 -10.77
C THR D 80 -41.94 8.28 -11.58
N PRO D 81 -41.85 9.49 -12.18
CA PRO D 81 -40.68 9.88 -12.96
C PRO D 81 -39.49 10.23 -12.06
N ASN D 82 -38.29 10.07 -12.61
CA ASN D 82 -37.00 10.59 -12.08
C ASN D 82 -37.09 12.11 -11.99
N THR D 83 -36.56 12.70 -10.92
CA THR D 83 -36.47 14.18 -10.74
C THR D 83 -35.28 14.70 -11.57
N ASN D 84 -35.52 15.67 -12.46
CA ASN D 84 -34.48 16.37 -13.26
C ASN D 84 -33.72 17.25 -12.27
N VAL D 85 -32.41 17.01 -12.10
CA VAL D 85 -31.51 17.86 -11.27
C VAL D 85 -30.54 18.53 -12.23
N PRO D 86 -30.65 19.87 -12.45
CA PRO D 86 -29.85 20.53 -13.48
C PRO D 86 -28.35 20.59 -13.17
N PRO D 87 -27.51 20.51 -14.21
CA PRO D 87 -26.05 20.50 -14.03
C PRO D 87 -25.47 21.88 -13.67
N GLU D 88 -24.33 21.90 -13.02
CA GLU D 88 -23.45 23.09 -12.93
C GLU D 88 -22.24 22.80 -13.81
N MET D 89 -21.61 23.86 -14.33
CA MET D 89 -20.58 23.76 -15.40
C MET D 89 -19.36 24.62 -15.04
N THR D 90 -18.18 24.11 -15.41
CA THR D 90 -16.89 24.83 -15.38
C THR D 90 -16.18 24.68 -16.73
N VAL D 91 -15.48 25.73 -17.15
CA VAL D 91 -14.64 25.72 -18.38
C VAL D 91 -13.25 26.19 -17.95
N PHE D 92 -12.21 25.38 -18.21
CA PHE D 92 -10.81 25.66 -17.82
C PHE D 92 -9.86 24.92 -18.75
N PRO D 93 -8.66 25.51 -18.99
CA PRO D 93 -7.66 24.87 -19.84
C PRO D 93 -7.01 23.67 -19.14
N ASN D 94 -6.54 22.68 -19.90
CA ASN D 94 -5.89 21.44 -19.36
C ASN D 94 -4.51 21.80 -18.77
N LYS D 95 -3.73 22.59 -19.51
CA LYS D 95 -2.34 23.01 -19.15
C LYS D 95 -2.30 24.52 -18.93
N ALA D 96 -1.19 25.03 -18.38
CA ALA D 96 -0.88 26.49 -18.35
C ALA D 96 -0.92 26.98 -19.80
N VAL D 97 -1.51 28.15 -20.05
CA VAL D 97 -1.88 28.57 -21.43
C VAL D 97 -0.70 29.36 -22.03
N GLU D 98 -0.27 28.92 -23.19
CA GLU D 98 0.78 29.64 -23.93
C GLU D 98 0.30 29.82 -25.37
N LEU D 99 0.28 31.07 -25.81
CA LEU D 99 -0.06 31.46 -27.21
C LEU D 99 0.70 30.53 -28.15
N GLY D 100 -0.01 29.83 -29.02
CA GLY D 100 0.63 28.98 -30.05
C GLY D 100 0.96 27.56 -29.63
N GLU D 101 0.93 27.25 -28.34
CA GLU D 101 1.23 25.87 -27.89
C GLU D 101 -0.09 25.10 -27.82
N PRO D 102 -0.23 23.96 -28.52
CA PRO D 102 -1.45 23.17 -28.42
C PRO D 102 -1.87 22.92 -26.97
N ASN D 103 -3.17 22.97 -26.71
CA ASN D 103 -3.74 22.78 -25.35
C ASN D 103 -5.09 22.09 -25.47
N ILE D 104 -5.78 21.90 -24.35
CA ILE D 104 -7.14 21.28 -24.35
C ILE D 104 -8.02 22.09 -23.40
N LEU D 105 -9.20 22.48 -23.90
CA LEU D 105 -10.26 23.11 -23.09
C LEU D 105 -11.08 21.97 -22.51
N ILE D 106 -11.33 22.02 -21.20
CA ILE D 106 -12.19 21.05 -20.48
C ILE D 106 -13.49 21.77 -20.11
N CYS D 107 -14.62 21.14 -20.45
CA CYS D 107 -15.96 21.50 -19.94
C CYS D 107 -16.34 20.41 -18.95
N PHE D 108 -16.21 20.70 -17.66
CA PHE D 108 -16.61 19.79 -16.57
C PHE D 108 -18.06 20.09 -16.18
N ILE D 109 -18.92 19.09 -16.37
CA ILE D 109 -20.37 19.17 -16.08
C ILE D 109 -20.65 18.21 -14.92
N ASP D 110 -21.29 18.72 -13.87
CA ASP D 110 -21.33 18.06 -12.54
C ASP D 110 -22.73 18.16 -11.95
N LYS D 111 -23.06 17.22 -11.06
CA LYS D 111 -24.19 17.29 -10.10
C LYS D 111 -25.50 17.37 -10.88
N PHE D 112 -25.65 16.57 -11.94
CA PHE D 112 -26.92 16.49 -12.70
C PHE D 112 -27.44 15.06 -12.66
N SER D 113 -28.76 14.95 -12.93
CA SER D 113 -29.46 13.70 -13.27
C SER D 113 -30.69 14.06 -14.09
N PRO D 114 -31.07 13.26 -15.12
CA PRO D 114 -30.44 11.99 -15.44
C PRO D 114 -29.20 12.12 -16.32
N PRO D 115 -28.51 11.00 -16.64
CA PRO D 115 -27.31 11.03 -17.47
C PRO D 115 -27.60 11.15 -18.98
N VAL D 116 -28.15 12.30 -19.38
CA VAL D 116 -28.41 12.72 -20.80
C VAL D 116 -28.00 14.20 -20.91
N LEU D 117 -27.16 14.53 -21.90
CA LEU D 117 -26.65 15.90 -22.14
C LEU D 117 -26.52 16.09 -23.65
N ASN D 118 -26.91 17.26 -24.15
CA ASN D 118 -26.41 17.76 -25.46
C ASN D 118 -25.38 18.86 -25.14
N VAL D 119 -24.10 18.59 -25.38
CA VAL D 119 -23.03 19.61 -25.19
C VAL D 119 -22.46 20.04 -26.54
N THR D 120 -22.29 21.35 -26.73
CA THR D 120 -21.76 21.97 -27.98
C THR D 120 -20.58 22.87 -27.61
N TRP D 121 -19.48 22.78 -28.37
CA TRP D 121 -18.33 23.72 -28.31
C TRP D 121 -18.49 24.77 -29.42
N LEU D 122 -18.31 26.04 -29.09
CA LEU D 122 -18.31 27.15 -30.08
C LEU D 122 -17.00 27.93 -29.99
N GLN D 123 -16.45 28.25 -31.16
CA GLN D 123 -15.33 29.20 -31.36
C GLN D 123 -15.89 30.42 -32.07
N ASN D 124 -15.83 31.59 -31.43
CA ASN D 124 -16.40 32.85 -31.95
C ASN D 124 -17.83 32.63 -32.48
N GLY D 125 -18.68 31.93 -31.70
CA GLY D 125 -20.12 31.69 -31.95
C GLY D 125 -20.41 30.64 -33.00
N LYS D 126 -19.40 29.92 -33.51
CA LYS D 126 -19.61 28.84 -34.52
C LYS D 126 -19.25 27.50 -33.89
N PRO D 127 -20.09 26.45 -34.08
CA PRO D 127 -19.84 25.14 -33.50
C PRO D 127 -18.57 24.49 -34.07
N VAL D 128 -17.76 23.86 -33.22
CA VAL D 128 -16.48 23.18 -33.61
C VAL D 128 -16.51 21.77 -33.02
N THR D 129 -16.03 20.77 -33.78
CA THR D 129 -16.09 19.33 -33.45
C THR D 129 -14.75 18.62 -33.70
N THR D 130 -13.73 19.29 -34.23
CA THR D 130 -12.45 18.62 -34.58
C THR D 130 -11.77 18.17 -33.30
N GLY D 131 -11.57 16.86 -33.15
CA GLY D 131 -10.81 16.25 -32.04
C GLY D 131 -11.52 16.30 -30.71
N VAL D 132 -12.83 16.57 -30.67
CA VAL D 132 -13.63 16.54 -29.41
C VAL D 132 -13.63 15.10 -28.86
N SER D 133 -13.42 14.98 -27.55
CA SER D 133 -13.63 13.72 -26.79
C SER D 133 -14.44 14.04 -25.53
N GLU D 134 -14.92 12.99 -24.88
CA GLU D 134 -15.72 13.07 -23.65
C GLU D 134 -15.53 11.78 -22.84
N THR D 135 -15.68 11.89 -21.52
CA THR D 135 -15.68 10.71 -20.63
C THR D 135 -17.04 10.02 -20.79
N VAL D 136 -17.24 8.96 -20.06
CA VAL D 136 -18.61 8.46 -19.79
C VAL D 136 -19.23 9.26 -18.62
N PHE D 137 -20.47 8.93 -18.29
CA PHE D 137 -21.19 9.52 -17.12
C PHE D 137 -20.60 8.89 -15.85
N LEU D 138 -19.85 9.70 -15.10
CA LEU D 138 -19.09 9.31 -13.90
C LEU D 138 -20.01 9.34 -12.69
N PRO D 139 -19.89 8.36 -11.77
CA PRO D 139 -20.70 8.35 -10.55
C PRO D 139 -20.34 9.34 -9.44
N ARG D 140 -21.34 9.71 -8.62
CA ARG D 140 -21.19 10.49 -7.37
C ARG D 140 -21.83 9.66 -6.26
N GLU D 141 -21.35 9.81 -5.03
CA GLU D 141 -21.96 9.23 -3.80
C GLU D 141 -23.43 9.66 -3.62
N ASP D 142 -23.83 10.86 -4.08
CA ASP D 142 -25.22 11.37 -3.91
C ASP D 142 -26.07 10.86 -5.09
N HIS D 143 -25.49 10.07 -5.99
CA HIS D 143 -26.14 9.32 -7.10
C HIS D 143 -26.37 10.19 -8.34
N LEU D 144 -26.02 11.48 -8.29
CA LEU D 144 -25.99 12.37 -9.47
C LEU D 144 -24.78 11.98 -10.32
N PHE D 145 -24.57 12.66 -11.44
CA PHE D 145 -23.55 12.26 -12.44
C PHE D 145 -22.57 13.39 -12.68
N ARG D 146 -21.43 13.05 -13.28
CA ARG D 146 -20.47 14.06 -13.80
C ARG D 146 -19.94 13.58 -15.15
N LYS D 147 -19.43 14.50 -15.94
CA LYS D 147 -18.98 14.18 -17.32
C LYS D 147 -18.05 15.31 -17.74
N PHE D 148 -16.96 14.95 -18.41
CA PHE D 148 -15.96 15.88 -18.97
C PHE D 148 -16.06 15.85 -20.50
N TYR D 149 -16.07 17.03 -21.13
CA TYR D 149 -15.85 17.21 -22.58
C TYR D 149 -14.48 17.89 -22.80
N TYR D 150 -13.82 17.53 -23.89
CA TYR D 150 -12.46 18.00 -24.21
C TYR D 150 -12.42 18.59 -25.62
N LEU D 151 -11.97 19.83 -25.76
CA LEU D 151 -11.75 20.46 -27.09
C LEU D 151 -10.28 20.83 -27.27
N PRO D 152 -9.53 20.12 -28.15
CA PRO D 152 -8.21 20.56 -28.57
C PRO D 152 -8.27 21.98 -29.13
N PHE D 153 -7.26 22.81 -28.87
CA PHE D 153 -7.26 24.20 -29.36
C PHE D 153 -5.86 24.80 -29.31
N LEU D 154 -5.61 25.71 -30.22
CA LEU D 154 -4.32 26.44 -30.26
C LEU D 154 -4.59 27.80 -29.62
N PRO D 155 -4.05 28.13 -28.44
CA PRO D 155 -4.32 29.40 -27.79
C PRO D 155 -4.05 30.58 -28.73
N SER D 156 -4.95 31.55 -28.76
CA SER D 156 -4.75 32.57 -29.81
C SER D 156 -5.19 33.99 -29.50
N ASN D 157 -5.47 34.42 -28.27
CA ASN D 157 -5.75 35.87 -28.03
C ASN D 157 -7.07 36.42 -28.62
N GLU D 158 -7.37 36.30 -29.90
CA GLU D 158 -8.65 36.80 -30.43
C GLU D 158 -9.83 35.92 -29.94
N ASP D 159 -9.76 34.60 -30.17
CA ASP D 159 -10.81 33.59 -29.92
C ASP D 159 -11.46 33.60 -28.53
N VAL D 160 -12.73 33.24 -28.52
CA VAL D 160 -13.54 33.11 -27.29
C VAL D 160 -14.30 31.79 -27.46
N TYR D 161 -14.16 30.89 -26.51
CA TYR D 161 -14.77 29.57 -26.66
C TYR D 161 -16.02 29.44 -25.82
N ASP D 162 -17.07 28.86 -26.36
CA ASP D 162 -18.27 28.68 -25.52
C ASP D 162 -18.55 27.19 -25.32
N CYS D 163 -18.88 26.81 -24.09
CA CYS D 163 -19.40 25.46 -23.77
C CYS D 163 -20.92 25.57 -23.58
N LYS D 164 -21.67 24.86 -24.42
CA LYS D 164 -23.15 24.93 -24.35
C LYS D 164 -23.74 23.62 -23.84
N VAL D 165 -24.36 23.65 -22.69
CA VAL D 165 -25.04 22.44 -22.15
C VAL D 165 -26.55 22.62 -22.14
N GLU D 166 -27.19 21.62 -22.70
CA GLU D 166 -28.66 21.45 -22.68
C GLU D 166 -28.93 20.20 -21.84
N HIS D 167 -29.89 20.32 -20.95
CA HIS D 167 -30.32 19.24 -20.01
C HIS D 167 -31.76 19.48 -19.59
N TRP D 168 -32.51 18.40 -19.33
CA TRP D 168 -33.94 18.47 -18.94
C TRP D 168 -34.22 19.32 -17.68
N GLY D 169 -33.28 19.47 -16.77
CA GLY D 169 -33.43 20.30 -15.56
C GLY D 169 -33.23 21.77 -15.81
N LEU D 170 -32.80 22.17 -17.01
CA LEU D 170 -32.56 23.59 -17.33
C LEU D 170 -33.73 24.17 -18.12
N GLU D 171 -34.18 25.36 -17.74
CA GLU D 171 -35.26 26.01 -18.49
C GLU D 171 -34.67 26.55 -19.79
N GLU D 172 -33.40 26.95 -19.78
CA GLU D 172 -32.72 27.39 -21.01
C GLU D 172 -31.28 26.89 -21.01
N PRO D 173 -30.59 26.86 -22.16
CA PRO D 173 -29.20 26.47 -22.23
C PRO D 173 -28.25 27.13 -21.23
N LEU D 174 -27.38 26.31 -20.68
CA LEU D 174 -26.36 26.78 -19.73
C LEU D 174 -25.05 26.94 -20.53
N ILE D 175 -24.61 28.17 -20.62
CA ILE D 175 -23.42 28.52 -21.44
C ILE D 175 -22.35 29.24 -20.63
N LYS D 176 -21.11 28.81 -20.78
CA LYS D 176 -19.95 29.45 -20.13
C LYS D 176 -18.84 29.66 -21.15
N HIS D 177 -17.98 30.62 -20.89
CA HIS D 177 -16.91 30.90 -21.87
C HIS D 177 -15.52 30.89 -21.27
N TRP D 178 -14.51 30.80 -22.13
CA TRP D 178 -13.06 30.89 -21.82
C TRP D 178 -12.35 31.65 -22.95
N GLU D 179 -11.41 32.55 -22.63
CA GLU D 179 -10.50 33.23 -23.58
C GLU D 179 -9.12 33.44 -22.92
N PHE D 180 -8.03 33.50 -23.69
CA PHE D 180 -6.62 33.69 -23.22
C PHE D 180 -6.54 34.87 -22.24
N PRO E 4 -39.82 14.76 -21.71
CA PRO E 4 -40.85 14.01 -20.95
C PRO E 4 -40.38 13.42 -19.60
N ALA E 5 -41.10 12.38 -19.12
CA ALA E 5 -40.77 11.54 -17.95
C ALA E 5 -39.64 10.56 -18.33
N HIS E 6 -38.59 10.53 -17.51
CA HIS E 6 -37.48 9.54 -17.57
C HIS E 6 -37.47 8.68 -16.32
N PHE E 7 -37.02 7.43 -16.49
CA PHE E 7 -36.94 6.39 -15.45
C PHE E 7 -35.50 5.83 -15.45
N LEU E 8 -34.87 5.86 -14.27
CA LEU E 8 -33.43 5.61 -14.12
C LEU E 8 -33.21 4.56 -13.05
N TYR E 9 -32.48 3.50 -13.40
CA TYR E 9 -32.02 2.45 -12.46
C TYR E 9 -30.50 2.50 -12.43
N GLN E 10 -29.93 2.52 -11.22
CA GLN E 10 -28.48 2.58 -10.98
C GLN E 10 -28.07 1.41 -10.08
N VAL E 11 -27.01 0.72 -10.48
CA VAL E 11 -26.34 -0.34 -9.69
C VAL E 11 -24.95 0.16 -9.28
N LYS E 12 -24.56 -0.10 -8.03
CA LYS E 12 -23.18 0.17 -7.57
C LYS E 12 -22.70 -0.97 -6.67
N PHE E 13 -21.56 -1.57 -7.03
CA PHE E 13 -20.75 -2.42 -6.14
C PHE E 13 -19.51 -1.59 -5.77
N GLU E 14 -19.32 -1.32 -4.47
CA GLU E 14 -18.23 -0.43 -3.94
C GLU E 14 -17.36 -1.20 -2.96
N CYS E 15 -16.05 -1.01 -3.10
CA CYS E 15 -14.98 -1.63 -2.29
C CYS E 15 -14.14 -0.49 -1.73
N GLN E 16 -14.19 -0.33 -0.42
CA GLN E 16 -13.44 0.70 0.33
C GLN E 16 -12.33 -0.02 1.09
N PHE E 17 -11.12 0.53 1.04
CA PHE E 17 -9.90 -0.07 1.61
C PHE E 17 -9.24 0.95 2.53
N SER E 18 -8.73 0.52 3.68
CA SER E 18 -7.78 1.28 4.53
C SER E 18 -6.69 0.35 5.05
N ASN E 19 -5.48 0.90 5.23
CA ASN E 19 -4.28 0.16 5.72
C ASN E 19 -4.03 -1.05 4.78
N GLY E 20 -3.78 -0.76 3.51
CA GLY E 20 -3.71 -1.77 2.44
C GLY E 20 -5.07 -2.39 2.27
N THR E 21 -5.27 -3.63 2.75
CA THR E 21 -6.55 -4.38 2.71
C THR E 21 -6.89 -4.91 4.11
N GLU E 22 -6.37 -4.29 5.16
CA GLU E 22 -6.63 -4.71 6.57
C GLU E 22 -8.11 -4.39 6.90
N ARG E 23 -8.61 -3.25 6.41
CA ARG E 23 -10.03 -2.84 6.57
C ARG E 23 -10.67 -2.78 5.18
N VAL E 24 -11.62 -3.68 4.89
CA VAL E 24 -12.30 -3.80 3.58
C VAL E 24 -13.81 -3.79 3.81
N ARG E 25 -14.50 -2.95 3.06
CA ARG E 25 -15.99 -2.83 3.16
C ARG E 25 -16.57 -2.95 1.75
N TYR E 26 -17.44 -3.94 1.56
CA TYR E 26 -18.13 -4.21 0.29
C TYR E 26 -19.53 -3.63 0.41
N LEU E 27 -19.95 -2.91 -0.62
CA LEU E 27 -21.31 -2.33 -0.65
C LEU E 27 -21.97 -2.69 -1.97
N HIS E 28 -23.15 -3.29 -1.93
CA HIS E 28 -23.99 -3.60 -3.10
C HIS E 28 -25.24 -2.73 -2.99
N ARG E 29 -25.38 -1.79 -3.91
CA ARG E 29 -26.43 -0.76 -3.91
C ARG E 29 -27.31 -0.96 -5.15
N SER E 30 -28.63 -0.94 -4.98
CA SER E 30 -29.65 -0.76 -6.04
C SER E 30 -30.38 0.56 -5.79
N ILE E 31 -30.50 1.39 -6.82
CA ILE E 31 -30.92 2.82 -6.70
C ILE E 31 -31.90 3.13 -7.81
N TYR E 32 -33.17 3.43 -7.47
CA TYR E 32 -34.21 3.73 -8.50
C TYR E 32 -34.54 5.22 -8.43
N ASN E 33 -34.33 5.95 -9.54
CA ASN E 33 -34.64 7.41 -9.62
C ASN E 33 -33.80 8.18 -8.60
N GLY E 34 -32.50 7.88 -8.52
CA GLY E 34 -31.56 8.61 -7.65
C GLY E 34 -31.69 8.25 -6.17
N GLN E 35 -32.60 7.35 -5.78
CA GLN E 35 -32.75 6.93 -4.37
C GLN E 35 -32.33 5.45 -4.18
N GLU E 36 -31.41 5.19 -3.25
CA GLU E 36 -31.01 3.82 -2.85
C GLU E 36 -32.17 3.11 -2.14
N ASP E 37 -32.52 1.91 -2.56
CA ASP E 37 -33.72 1.15 -2.13
C ASP E 37 -33.33 -0.04 -1.24
N VAL E 38 -32.27 -0.75 -1.60
CA VAL E 38 -31.77 -1.93 -0.84
C VAL E 38 -30.24 -1.92 -0.89
N ARG E 39 -29.64 -2.40 0.20
CA ARG E 39 -28.18 -2.34 0.43
C ARG E 39 -27.68 -3.63 1.08
N PHE E 40 -26.62 -4.25 0.55
CA PHE E 40 -25.79 -5.17 1.36
C PHE E 40 -24.50 -4.45 1.74
N ASP E 41 -24.20 -4.43 3.05
CA ASP E 41 -23.01 -3.78 3.64
C ASP E 41 -22.30 -4.87 4.41
N SER E 42 -21.05 -5.18 4.06
CA SER E 42 -20.27 -6.31 4.63
C SER E 42 -20.16 -6.12 6.16
N ASP E 43 -20.12 -4.87 6.64
CA ASP E 43 -20.09 -4.51 8.09
C ASP E 43 -21.33 -5.03 8.81
N VAL E 44 -22.46 -5.13 8.09
CA VAL E 44 -23.79 -5.53 8.60
C VAL E 44 -23.98 -7.04 8.39
N GLY E 45 -23.52 -7.57 7.25
CA GLY E 45 -23.58 -9.01 6.89
C GLY E 45 -24.97 -9.45 6.45
N GLU E 46 -25.91 -8.52 6.21
CA GLU E 46 -27.28 -8.77 5.68
C GLU E 46 -27.72 -7.61 4.77
N PHE E 47 -28.75 -7.83 3.97
CA PHE E 47 -29.39 -6.76 3.15
C PHE E 47 -30.35 -5.96 4.04
N ARG E 48 -30.46 -4.66 3.76
CA ARG E 48 -31.40 -3.75 4.45
C ARG E 48 -32.21 -3.00 3.38
N ALA E 49 -33.53 -3.03 3.56
CA ALA E 49 -34.53 -2.30 2.76
C ALA E 49 -34.58 -0.85 3.24
N LEU E 50 -33.79 0.01 2.60
CA LEU E 50 -33.78 1.47 2.83
C LEU E 50 -35.14 2.07 2.42
N THR E 51 -35.82 1.49 1.43
CA THR E 51 -37.20 1.87 1.05
C THR E 51 -38.02 0.61 0.81
N GLU E 52 -39.34 0.77 0.73
CA GLU E 52 -40.31 -0.33 0.51
C GLU E 52 -40.05 -1.00 -0.86
N LEU E 53 -39.42 -0.29 -1.81
CA LEU E 53 -39.05 -0.82 -3.16
C LEU E 53 -38.00 -1.91 -3.02
N GLY E 54 -37.12 -1.79 -2.03
CA GLY E 54 -36.06 -2.78 -1.77
C GLY E 54 -36.51 -3.91 -0.85
N ARG E 55 -37.72 -3.86 -0.32
CA ARG E 55 -38.14 -4.80 0.77
C ARG E 55 -38.28 -6.21 0.23
N PRO E 56 -38.96 -6.48 -0.91
CA PRO E 56 -39.04 -7.86 -1.41
C PRO E 56 -37.64 -8.46 -1.75
N ARG E 57 -36.70 -7.66 -2.28
CA ARG E 57 -35.34 -8.19 -2.57
C ARG E 57 -34.58 -8.45 -1.24
N ALA E 58 -34.59 -7.51 -0.29
CA ALA E 58 -33.91 -7.70 1.02
C ALA E 58 -34.42 -9.01 1.67
N GLU E 59 -35.71 -9.17 1.79
CA GLU E 59 -36.34 -10.33 2.48
C GLU E 59 -36.02 -11.62 1.71
N TYR E 60 -36.16 -11.63 0.39
CA TYR E 60 -35.84 -12.84 -0.43
C TYR E 60 -34.37 -13.21 -0.23
N TRP E 61 -33.47 -12.22 -0.42
CA TRP E 61 -32.00 -12.39 -0.37
C TRP E 61 -31.59 -12.85 1.03
N ASN E 62 -32.11 -12.21 2.08
CA ASN E 62 -31.73 -12.56 3.47
C ASN E 62 -32.12 -14.01 3.77
N SER E 63 -33.00 -14.62 2.97
CA SER E 63 -33.47 -16.01 3.19
C SER E 63 -32.74 -17.01 2.26
N GLN E 64 -31.86 -16.54 1.38
CA GLN E 64 -31.03 -17.43 0.51
C GLN E 64 -29.64 -17.57 1.13
N LYS E 65 -29.40 -18.67 1.84
CA LYS E 65 -28.13 -18.99 2.56
C LYS E 65 -26.96 -18.87 1.57
N ASP E 66 -27.11 -19.44 0.37
CA ASP E 66 -26.05 -19.50 -0.68
C ASP E 66 -25.70 -18.06 -1.13
N TYR E 67 -26.70 -17.23 -1.47
CA TYR E 67 -26.44 -15.84 -1.92
C TYR E 67 -25.83 -15.00 -0.79
N LEU E 68 -26.33 -15.14 0.43
CA LEU E 68 -25.83 -14.40 1.61
C LEU E 68 -24.32 -14.65 1.79
N GLU E 69 -23.90 -15.91 1.71
CA GLU E 69 -22.47 -16.30 1.84
C GLU E 69 -21.67 -15.76 0.65
N ASP E 70 -22.19 -15.78 -0.58
CA ASP E 70 -21.50 -15.16 -1.74
C ASP E 70 -21.24 -13.67 -1.41
N GLU E 71 -22.26 -12.98 -0.87
CA GLU E 71 -22.21 -11.54 -0.54
C GLU E 71 -21.23 -11.32 0.62
N ARG E 72 -21.14 -12.24 1.57
CA ARG E 72 -20.26 -12.12 2.77
C ARG E 72 -18.79 -12.39 2.39
N ALA E 73 -18.56 -13.19 1.36
CA ALA E 73 -17.20 -13.55 0.88
C ALA E 73 -16.69 -12.48 -0.09
N SER E 74 -17.54 -11.53 -0.48
CA SER E 74 -17.24 -10.59 -1.59
C SER E 74 -16.13 -9.61 -1.18
N VAL E 75 -15.98 -9.35 0.13
CA VAL E 75 -14.80 -8.59 0.64
C VAL E 75 -13.54 -9.27 0.12
N ASP E 76 -13.53 -10.61 0.00
CA ASP E 76 -12.37 -11.39 -0.52
C ASP E 76 -12.49 -11.60 -2.04
N THR E 77 -13.55 -12.26 -2.52
CA THR E 77 -13.66 -12.81 -3.91
C THR E 77 -13.76 -11.68 -4.93
N TYR E 78 -14.26 -10.50 -4.52
CA TYR E 78 -14.49 -9.31 -5.37
C TYR E 78 -13.53 -8.17 -5.01
N CYS E 79 -13.65 -7.58 -3.82
CA CYS E 79 -12.85 -6.40 -3.39
C CYS E 79 -11.35 -6.74 -3.34
N ARG E 80 -10.91 -7.66 -2.48
CA ARG E 80 -9.45 -7.96 -2.32
C ARG E 80 -8.87 -8.44 -3.65
N HIS E 81 -9.62 -9.20 -4.44
CA HIS E 81 -9.14 -9.72 -5.74
C HIS E 81 -8.91 -8.58 -6.74
N ASN E 82 -9.87 -7.66 -6.86
CA ASN E 82 -9.77 -6.52 -7.78
C ASN E 82 -8.64 -5.57 -7.31
N TYR E 83 -8.47 -5.40 -6.00
CA TYR E 83 -7.39 -4.55 -5.44
C TYR E 83 -6.03 -5.14 -5.85
N GLY E 84 -5.86 -6.47 -5.77
CA GLY E 84 -4.62 -7.14 -6.20
C GLY E 84 -4.28 -6.75 -7.63
N VAL E 85 -5.27 -6.89 -8.52
CA VAL E 85 -5.12 -6.47 -9.95
C VAL E 85 -4.69 -5.00 -10.03
N LEU E 86 -5.38 -4.09 -9.38
CA LEU E 86 -5.07 -2.65 -9.49
C LEU E 86 -3.74 -2.30 -8.82
N ASP E 87 -3.29 -3.08 -7.84
CA ASP E 87 -2.08 -2.78 -7.04
C ASP E 87 -0.88 -3.06 -7.94
N GLY E 88 -1.12 -3.56 -9.14
CA GLY E 88 -0.04 -3.82 -10.11
C GLY E 88 0.20 -2.66 -11.04
N PHE E 89 -0.59 -1.57 -11.02
CA PHE E 89 -0.38 -0.40 -11.93
C PHE E 89 -1.12 0.88 -11.52
N LEU E 90 -2.24 0.78 -10.83
CA LEU E 90 -3.16 1.94 -10.71
C LEU E 90 -3.05 2.58 -9.34
N VAL E 91 -2.94 1.76 -8.29
CA VAL E 91 -3.03 2.21 -6.87
C VAL E 91 -1.84 3.14 -6.55
N HIS E 92 -0.67 2.90 -7.14
CA HIS E 92 0.59 3.68 -6.88
C HIS E 92 1.01 4.42 -8.15
N ARG E 93 0.11 4.56 -9.11
CA ARG E 93 0.34 5.47 -10.27
C ARG E 93 0.81 6.81 -9.71
N GLN E 94 1.88 7.34 -10.28
CA GLN E 94 2.46 8.65 -9.92
C GLN E 94 2.77 9.43 -11.21
N THR E 95 2.37 10.71 -11.23
CA THR E 95 2.73 11.68 -12.28
C THR E 95 3.14 12.97 -11.55
N ALA E 96 4.37 13.39 -11.82
CA ALA E 96 5.06 14.59 -11.29
C ALA E 96 4.35 15.82 -11.82
N PRO E 97 4.23 16.89 -11.02
CA PRO E 97 3.64 18.13 -11.50
C PRO E 97 4.61 18.94 -12.38
N THR E 98 4.08 19.59 -13.41
CA THR E 98 4.71 20.66 -14.21
C THR E 98 4.38 21.99 -13.53
N VAL E 99 5.38 22.77 -13.12
CA VAL E 99 5.19 23.96 -12.24
C VAL E 99 5.77 25.20 -12.92
N THR E 100 4.91 26.18 -13.20
CA THR E 100 5.24 27.48 -13.84
C THR E 100 4.71 28.61 -12.96
N VAL E 101 5.35 29.77 -12.97
CA VAL E 101 4.87 31.00 -12.27
C VAL E 101 4.61 32.07 -13.33
N PHE E 102 3.50 32.81 -13.19
CA PHE E 102 3.13 33.95 -14.06
C PHE E 102 2.24 34.92 -13.27
N PRO E 103 2.25 36.24 -13.57
CA PRO E 103 1.32 37.19 -12.97
C PRO E 103 0.00 37.36 -13.76
N ALA E 104 -1.10 37.68 -13.07
CA ALA E 104 -2.45 37.90 -13.68
C ALA E 104 -2.98 39.31 -13.33
N LEU E 114 -0.83 40.07 -7.95
CA LEU E 114 -1.22 38.64 -7.86
C LEU E 114 -0.27 37.76 -8.69
N LEU E 115 0.65 37.05 -8.03
CA LEU E 115 1.47 35.95 -8.64
C LEU E 115 0.61 34.69 -8.69
N VAL E 116 0.74 33.90 -9.77
CA VAL E 116 0.06 32.57 -9.94
C VAL E 116 1.15 31.49 -10.03
N CYS E 117 1.04 30.46 -9.18
CA CYS E 117 1.78 29.20 -9.29
C CYS E 117 0.85 28.16 -9.93
N SER E 118 1.06 27.83 -11.21
CA SER E 118 0.24 26.84 -11.95
C SER E 118 0.90 25.47 -11.78
N VAL E 119 0.19 24.53 -11.14
CA VAL E 119 0.71 23.19 -10.76
C VAL E 119 -0.13 22.16 -11.52
N ASN E 120 0.39 21.67 -12.66
CA ASN E 120 -0.40 20.93 -13.69
C ASN E 120 0.13 19.49 -13.80
N GLY E 121 -0.76 18.53 -14.03
CA GLY E 121 -0.45 17.20 -14.60
C GLY E 121 -0.10 16.14 -13.56
N PHE E 122 -0.41 16.37 -12.28
CA PHE E 122 0.07 15.47 -11.21
C PHE E 122 -1.00 14.44 -10.83
N TYR E 123 -0.52 13.26 -10.44
CA TYR E 123 -1.28 12.19 -9.77
C TYR E 123 -0.36 11.43 -8.83
N PRO E 124 -0.77 11.10 -7.59
CA PRO E 124 -2.12 11.38 -7.10
C PRO E 124 -2.34 12.82 -6.62
N GLY E 125 -3.49 13.08 -5.99
CA GLY E 125 -3.96 14.42 -5.57
C GLY E 125 -3.21 15.02 -4.38
N PRO E 126 -2.91 14.27 -3.30
CA PRO E 126 -2.24 14.86 -2.14
C PRO E 126 -0.96 15.58 -2.61
N ILE E 127 -0.82 16.87 -2.27
CA ILE E 127 0.29 17.75 -2.70
C ILE E 127 0.46 18.88 -1.68
N GLU E 128 1.69 19.37 -1.51
CA GLU E 128 2.00 20.54 -0.66
C GLU E 128 2.64 21.62 -1.54
N VAL E 129 1.93 22.73 -1.74
CA VAL E 129 2.37 23.91 -2.52
C VAL E 129 2.54 25.09 -1.56
N ARG E 130 3.75 25.65 -1.48
CA ARG E 130 4.09 26.80 -0.59
C ARG E 130 4.70 27.92 -1.44
N TRP E 131 4.34 29.17 -1.13
CA TRP E 131 5.01 30.41 -1.60
C TRP E 131 6.08 30.85 -0.58
N LEU E 132 7.27 31.20 -1.05
CA LEU E 132 8.37 31.82 -0.26
C LEU E 132 8.66 33.19 -0.87
N ARG E 133 8.88 34.20 -0.01
CA ARG E 133 9.37 35.55 -0.40
C ARG E 133 10.76 35.72 0.22
N ASP E 134 11.78 35.96 -0.62
CA ASP E 134 13.20 36.17 -0.20
C ASP E 134 13.67 34.95 0.60
N GLY E 135 13.16 33.77 0.27
CA GLY E 135 13.44 32.50 1.00
C GLY E 135 12.47 32.27 2.15
N ARG E 136 11.93 33.34 2.74
CA ARG E 136 10.98 33.28 3.89
C ARG E 136 9.61 32.86 3.37
N GLU E 137 9.01 31.81 3.94
CA GLU E 137 7.65 31.33 3.54
C GLU E 137 6.61 32.20 4.25
N GLU E 138 5.54 32.60 3.55
CA GLU E 138 4.37 33.29 4.15
C GLU E 138 3.17 32.36 4.10
N GLN E 139 2.05 32.81 4.68
CA GLN E 139 0.78 32.02 4.83
C GLN E 139 -0.39 32.92 4.42
N ALA E 140 -0.39 34.19 4.91
CA ALA E 140 -1.41 35.23 4.62
C ALA E 140 -1.29 35.64 3.16
N GLY E 141 -2.43 35.81 2.48
CA GLY E 141 -2.52 36.34 1.10
C GLY E 141 -2.33 35.26 0.05
N VAL E 142 -2.38 33.97 0.45
CA VAL E 142 -2.29 32.79 -0.45
C VAL E 142 -3.70 32.19 -0.64
N VAL E 143 -4.21 32.26 -1.87
CA VAL E 143 -5.54 31.69 -2.28
C VAL E 143 -5.27 30.48 -3.19
N SER E 144 -5.85 29.33 -2.84
CA SER E 144 -5.77 28.05 -3.59
C SER E 144 -7.18 27.64 -4.05
N THR E 145 -7.27 27.14 -5.29
CA THR E 145 -8.47 26.54 -5.91
C THR E 145 -8.77 25.17 -5.28
N GLY E 146 -7.79 24.56 -4.61
CA GLY E 146 -7.83 23.13 -4.26
C GLY E 146 -7.57 22.27 -5.50
N LEU E 147 -7.49 20.96 -5.32
CA LEU E 147 -7.43 19.97 -6.42
C LEU E 147 -8.54 20.27 -7.43
N ILE E 148 -8.18 20.34 -8.71
CA ILE E 148 -9.13 20.40 -9.84
C ILE E 148 -8.92 19.11 -10.63
N ARG E 149 -9.96 18.30 -10.78
CA ARG E 149 -9.83 16.98 -11.45
C ARG E 149 -9.88 17.27 -12.96
N ASN E 150 -8.93 16.81 -13.76
CA ASN E 150 -9.00 17.05 -15.23
C ASN E 150 -9.79 15.94 -15.91
N GLY E 151 -10.06 14.82 -15.23
CA GLY E 151 -10.77 13.64 -15.75
C GLY E 151 -9.88 12.62 -16.47
N ASP E 152 -8.59 12.94 -16.72
CA ASP E 152 -7.63 12.06 -17.43
C ASP E 152 -6.59 11.45 -16.48
N TRP E 153 -6.87 11.30 -15.20
CA TRP E 153 -5.91 10.76 -14.19
C TRP E 153 -4.83 11.80 -13.87
N THR E 154 -5.12 13.08 -14.11
CA THR E 154 -4.31 14.21 -13.58
C THR E 154 -5.21 15.21 -12.85
N PHE E 155 -4.59 15.91 -11.91
CA PHE E 155 -5.14 17.13 -11.25
C PHE E 155 -4.30 18.33 -11.68
N GLN E 156 -4.87 19.53 -11.53
CA GLN E 156 -4.16 20.81 -11.53
C GLN E 156 -4.57 21.57 -10.27
N MET E 157 -3.83 22.65 -9.97
CA MET E 157 -4.01 23.51 -8.77
C MET E 157 -3.38 24.86 -9.09
N LEU E 158 -4.10 25.95 -8.86
CA LEU E 158 -3.59 27.33 -8.98
C LEU E 158 -3.46 27.88 -7.56
N VAL E 159 -2.25 28.29 -7.18
CA VAL E 159 -1.95 28.86 -5.84
C VAL E 159 -1.44 30.29 -6.06
N MET E 160 -2.23 31.28 -5.65
CA MET E 160 -2.05 32.72 -5.96
C MET E 160 -1.53 33.45 -4.72
N LEU E 161 -0.46 34.22 -4.89
CA LEU E 161 0.06 35.16 -3.87
C LEU E 161 -0.38 36.58 -4.23
N GLU E 162 -1.04 37.27 -3.30
CA GLU E 162 -1.22 38.75 -3.39
C GLU E 162 0.12 39.34 -2.99
N THR E 163 0.65 40.20 -3.84
CA THR E 163 2.03 40.65 -3.66
C THR E 163 2.17 42.16 -3.77
N VAL E 164 2.98 42.73 -2.89
CA VAL E 164 3.42 44.13 -3.14
C VAL E 164 4.88 44.00 -3.56
N PRO E 165 5.14 44.09 -4.88
CA PRO E 165 6.48 43.96 -5.42
C PRO E 165 7.30 45.14 -4.92
N ARG E 166 8.56 44.87 -4.58
CA ARG E 166 9.39 45.97 -4.07
C ARG E 166 10.74 45.87 -4.76
N SER E 167 11.80 46.07 -3.98
CA SER E 167 13.19 46.16 -4.47
C SER E 167 13.87 44.80 -4.64
N GLY E 168 13.69 44.15 -5.78
CA GLY E 168 14.42 42.88 -5.99
C GLY E 168 14.11 41.77 -5.01
N GLU E 169 12.87 41.68 -4.55
CA GLU E 169 12.41 40.48 -3.83
C GLU E 169 12.30 39.29 -4.80
N VAL E 170 12.43 38.07 -4.27
CA VAL E 170 12.44 36.78 -5.02
C VAL E 170 11.32 35.91 -4.46
N TYR E 171 10.33 35.61 -5.30
CA TYR E 171 9.22 34.68 -4.97
C TYR E 171 9.62 33.29 -5.46
N THR E 172 9.50 32.31 -4.58
CA THR E 172 9.69 30.86 -4.88
C THR E 172 8.35 30.15 -4.65
N CYS E 173 7.80 29.50 -5.67
CA CYS E 173 6.71 28.51 -5.47
C CYS E 173 7.37 27.14 -5.30
N HIS E 174 7.13 26.49 -4.16
CA HIS E 174 7.80 25.23 -3.72
C HIS E 174 6.72 24.15 -3.68
N VAL E 175 6.98 22.99 -4.32
CA VAL E 175 5.98 21.90 -4.50
C VAL E 175 6.63 20.59 -4.07
N GLN E 176 6.04 19.90 -3.09
CA GLN E 176 6.37 18.50 -2.74
C GLN E 176 5.19 17.58 -3.12
N HIS E 177 5.48 16.59 -3.95
CA HIS E 177 4.54 15.55 -4.42
C HIS E 177 5.24 14.20 -4.36
N PRO E 178 4.57 13.10 -3.90
CA PRO E 178 5.24 11.81 -3.64
C PRO E 178 5.90 11.16 -4.87
N SER E 179 5.57 11.63 -6.07
CA SER E 179 6.25 11.30 -7.36
C SER E 179 7.77 11.50 -7.29
N SER E 180 8.27 12.43 -6.46
CA SER E 180 9.72 12.74 -6.32
C SER E 180 10.02 13.17 -4.87
N SER E 181 11.12 12.65 -4.30
CA SER E 181 11.65 13.02 -2.96
C SER E 181 12.03 14.51 -2.92
N SER E 182 12.55 15.03 -4.05
CA SER E 182 13.02 16.44 -4.20
C SER E 182 11.89 17.33 -4.69
N PRO E 183 11.71 18.53 -4.10
CA PRO E 183 10.64 19.44 -4.48
C PRO E 183 10.86 19.96 -5.90
N VAL E 184 9.80 20.50 -6.51
CA VAL E 184 9.87 21.29 -7.78
C VAL E 184 9.67 22.75 -7.38
N THR E 185 10.62 23.63 -7.73
CA THR E 185 10.67 25.02 -7.23
C THR E 185 10.84 25.94 -8.43
N VAL E 186 10.00 26.98 -8.54
CA VAL E 186 10.20 28.06 -9.53
C VAL E 186 10.44 29.37 -8.78
N GLU E 187 11.53 30.05 -9.16
CA GLU E 187 11.92 31.40 -8.70
C GLU E 187 11.37 32.41 -9.72
N TRP E 188 10.59 33.40 -9.24
CA TRP E 188 10.15 34.58 -10.03
C TRP E 188 10.72 35.86 -9.40
N ARG E 189 11.64 36.52 -10.09
CA ARG E 189 12.31 37.76 -9.65
C ARG E 189 11.35 38.94 -9.92
N ALA E 190 11.12 39.80 -8.93
CA ALA E 190 10.39 41.08 -9.06
C ALA E 190 11.36 42.19 -9.43
N ASN F 1 -4.87 -11.24 -15.42
CA ASN F 1 -5.50 -10.76 -14.15
C ASN F 1 -6.75 -9.95 -14.51
N ASP F 2 -7.90 -10.56 -14.29
CA ASP F 2 -9.21 -10.06 -14.72
C ASP F 2 -9.74 -9.18 -13.60
N ILE F 3 -10.35 -8.07 -13.98
CA ILE F 3 -11.25 -7.30 -13.08
C ILE F 3 -12.58 -8.05 -13.12
N LEU F 4 -12.99 -8.56 -11.98
CA LEU F 4 -14.27 -9.28 -11.82
C LEU F 4 -15.39 -8.25 -11.63
N SER F 5 -16.54 -8.52 -12.24
CA SER F 5 -17.80 -7.77 -12.08
C SER F 5 -18.72 -8.62 -11.20
N ARG F 6 -19.69 -7.96 -10.56
CA ARG F 6 -20.80 -8.67 -9.90
C ARG F 6 -22.09 -8.26 -10.60
N LEU F 7 -23.16 -8.98 -10.34
CA LEU F 7 -24.50 -8.75 -10.93
C LEU F 7 -25.48 -8.39 -9.81
N ASP F 8 -26.29 -7.36 -10.01
CA ASP F 8 -27.46 -7.06 -9.15
C ASP F 8 -28.62 -7.96 -9.60
N PRO F 9 -28.98 -9.03 -8.85
CA PRO F 9 -29.92 -10.02 -9.37
C PRO F 9 -31.28 -9.42 -9.73
N PRO F 10 -31.95 -9.97 -10.76
CA PRO F 10 -33.29 -9.51 -11.13
C PRO F 10 -34.35 -9.80 -10.05
N GLU F 11 -35.25 -8.84 -9.75
CA GLU F 11 -36.37 -9.05 -8.79
C GLU F 11 -37.34 -10.13 -9.32
N ALA F 12 -37.67 -10.10 -10.61
CA ALA F 12 -38.68 -10.98 -11.25
C ALA F 12 -38.33 -11.21 -12.73
N SER F 13 -39.14 -12.02 -13.43
CA SER F 13 -38.96 -12.40 -14.85
C SER F 13 -39.81 -11.51 -15.77
#